data_2LOB
#
_entry.id   2LOB
#
loop_
_entity.id
_entity.type
_entity.pdbx_description
1 polymer 'Golgi-associated PDZ and coiled-coil motif-containing protein'
2 polymer 'Cystic fibrosis transmembrane conductance regulator'
#
loop_
_entity_poly.entity_id
_entity_poly.type
_entity_poly.pdbx_seq_one_letter_code
_entity_poly.pdbx_strand_id
1 'polypeptide(L)'
;HHHHHHHHHHSSGHIEGRHMENLYFQGIRKVLLLKEDHEGLGISITGGKEHGVPILISEIHPGQPADRCGGLHVGDAILA
VNGVNLRDTKHKEAVTILSQQRGEIEFEVVYV
;
A
2 'polypeptide(L)' EEVQDTRL B
#
# COMPACT_ATOMS: atom_id res chain seq x y z
N GLY A 27 7.63 0.62 -14.95
CA GLY A 27 6.29 0.01 -14.76
C GLY A 27 5.52 0.63 -13.61
N ILE A 28 5.74 1.92 -13.39
CA ILE A 28 5.06 2.63 -12.31
C ILE A 28 3.65 3.01 -12.68
N ARG A 29 2.79 2.84 -11.71
CA ARG A 29 1.37 3.14 -11.87
C ARG A 29 0.84 3.84 -10.63
N LYS A 30 0.39 5.08 -10.81
CA LYS A 30 -0.09 5.87 -9.72
C LYS A 30 -1.60 5.85 -9.60
N VAL A 31 -2.00 5.37 -8.45
CA VAL A 31 -3.40 5.28 -8.07
C VAL A 31 -3.62 6.17 -6.85
N LEU A 32 -4.46 7.17 -7.00
CA LEU A 32 -4.72 8.09 -5.89
C LEU A 32 -5.96 7.69 -5.11
N LEU A 33 -5.72 7.24 -3.89
CA LEU A 33 -6.82 6.82 -3.02
C LEU A 33 -6.93 7.76 -1.83
N LEU A 34 -8.01 8.51 -1.78
CA LEU A 34 -8.23 9.45 -0.69
C LEU A 34 -9.47 9.09 0.11
N LYS A 35 -9.23 8.49 1.24
CA LYS A 35 -10.29 8.08 2.16
C LYS A 35 -10.45 9.10 3.28
N GLU A 36 -11.69 9.52 3.52
CA GLU A 36 -11.97 10.49 4.57
C GLU A 36 -13.23 10.09 5.34
N ASP A 37 -13.37 10.64 6.54
CA ASP A 37 -14.53 10.35 7.38
C ASP A 37 -14.63 8.86 7.69
N HIS A 38 -15.17 8.09 6.74
CA HIS A 38 -15.33 6.65 6.89
C HIS A 38 -14.18 6.04 7.70
N GLU A 39 -12.95 6.27 7.25
CA GLU A 39 -11.75 5.76 7.92
C GLU A 39 -11.31 4.43 7.31
N GLY A 40 -10.15 3.94 7.74
CA GLY A 40 -9.64 2.69 7.23
C GLY A 40 -9.46 2.72 5.72
N LEU A 41 -8.70 1.78 5.19
CA LEU A 41 -8.45 1.73 3.75
C LEU A 41 -9.25 0.61 3.08
N GLY A 42 -8.72 -0.60 3.15
CA GLY A 42 -9.37 -1.74 2.54
C GLY A 42 -8.40 -2.55 1.68
N ILE A 43 -7.11 -2.40 1.98
CA ILE A 43 -6.06 -3.09 1.26
C ILE A 43 -5.06 -3.66 2.24
N SER A 44 -4.33 -4.66 1.78
CA SER A 44 -3.33 -5.30 2.62
C SER A 44 -2.00 -5.41 1.90
N ILE A 45 -0.93 -5.29 2.68
CA ILE A 45 0.41 -5.36 2.13
C ILE A 45 1.37 -6.16 3.01
N THR A 46 2.45 -6.62 2.39
CA THR A 46 3.50 -7.36 3.06
C THR A 46 4.76 -7.35 2.21
N GLY A 47 5.88 -7.15 2.86
CA GLY A 47 7.12 -7.12 2.15
C GLY A 47 8.15 -6.25 2.81
N GLY A 48 9.35 -6.37 2.33
CA GLY A 48 10.48 -5.60 2.84
C GLY A 48 11.75 -6.43 2.91
N LYS A 49 12.73 -5.92 3.66
CA LYS A 49 14.00 -6.64 3.80
C LYS A 49 13.82 -7.80 4.79
N GLU A 50 12.76 -7.74 5.58
CA GLU A 50 12.47 -8.78 6.54
C GLU A 50 12.00 -10.04 5.83
N HIS A 51 11.14 -9.86 4.83
CA HIS A 51 10.64 -10.99 4.07
C HIS A 51 11.39 -11.11 2.76
N GLY A 52 12.48 -10.38 2.67
CA GLY A 52 13.30 -10.40 1.49
C GLY A 52 12.50 -10.03 0.25
N VAL A 53 11.39 -9.30 0.45
CA VAL A 53 10.54 -8.92 -0.68
C VAL A 53 10.18 -7.44 -0.66
N PRO A 54 9.52 -7.02 -1.74
CA PRO A 54 9.01 -5.67 -1.92
C PRO A 54 7.61 -5.59 -1.30
N ILE A 55 7.09 -4.42 -0.99
CA ILE A 55 5.76 -4.37 -0.41
C ILE A 55 4.72 -4.67 -1.47
N LEU A 56 4.25 -5.89 -1.50
CA LEU A 56 3.30 -6.29 -2.48
C LEU A 56 1.90 -6.41 -1.92
N ILE A 57 0.94 -5.99 -2.72
CA ILE A 57 -0.44 -6.09 -2.34
C ILE A 57 -0.85 -7.55 -2.38
N SER A 58 -1.46 -8.04 -1.29
CA SER A 58 -1.84 -9.45 -1.22
C SER A 58 -3.29 -9.65 -0.83
N GLU A 59 -3.94 -8.65 -0.26
CA GLU A 59 -5.33 -8.80 0.13
C GLU A 59 -6.13 -7.56 -0.23
N ILE A 60 -7.07 -7.73 -1.13
CA ILE A 60 -7.90 -6.63 -1.58
C ILE A 60 -9.38 -6.96 -1.50
N HIS A 61 -10.04 -6.34 -0.54
CA HIS A 61 -11.47 -6.52 -0.31
C HIS A 61 -12.28 -5.88 -1.45
N PRO A 62 -13.33 -6.58 -1.92
CA PRO A 62 -14.18 -6.06 -3.00
C PRO A 62 -14.77 -4.71 -2.64
N GLY A 63 -14.93 -3.85 -3.63
CA GLY A 63 -15.47 -2.53 -3.40
C GLY A 63 -14.67 -1.71 -2.43
N GLN A 64 -13.53 -2.24 -2.03
CA GLN A 64 -12.64 -1.55 -1.14
C GLN A 64 -11.61 -0.91 -2.03
N PRO A 65 -10.80 0.01 -1.50
CA PRO A 65 -9.77 0.71 -2.23
C PRO A 65 -9.45 0.17 -3.63
N ALA A 66 -9.97 -1.01 -4.00
CA ALA A 66 -9.74 -1.54 -5.33
C ALA A 66 -10.78 -0.96 -6.27
N ASP A 67 -11.96 -0.78 -5.72
CA ASP A 67 -13.06 -0.20 -6.46
C ASP A 67 -13.31 1.24 -6.01
N ARG A 68 -12.57 1.68 -4.97
CA ARG A 68 -12.77 3.05 -4.48
C ARG A 68 -11.80 4.01 -5.13
N CYS A 69 -10.65 3.49 -5.56
CA CYS A 69 -9.68 4.30 -6.25
C CYS A 69 -9.71 3.91 -7.71
N GLY A 70 -10.68 3.04 -8.03
CA GLY A 70 -10.83 2.56 -9.39
C GLY A 70 -9.52 2.17 -10.04
N GLY A 71 -8.45 2.03 -9.23
CA GLY A 71 -7.17 1.68 -9.81
C GLY A 71 -6.30 0.77 -8.94
N LEU A 72 -6.84 0.27 -7.83
CA LEU A 72 -6.12 -0.59 -6.96
C LEU A 72 -6.47 -2.04 -7.28
N HIS A 73 -5.53 -2.92 -7.04
CA HIS A 73 -5.72 -4.32 -7.32
C HIS A 73 -4.48 -5.15 -6.99
N VAL A 74 -4.69 -6.23 -6.25
CA VAL A 74 -3.62 -7.13 -5.88
C VAL A 74 -2.94 -7.70 -7.13
N GLY A 75 -1.73 -8.17 -6.94
CA GLY A 75 -0.96 -8.75 -8.03
C GLY A 75 0.15 -7.82 -8.48
N ASP A 76 -0.02 -6.54 -8.21
CA ASP A 76 0.96 -5.54 -8.55
C ASP A 76 1.93 -5.36 -7.40
N ALA A 77 3.13 -5.01 -7.77
CA ALA A 77 4.19 -4.78 -6.81
C ALA A 77 4.16 -3.32 -6.38
N ILE A 78 4.23 -3.11 -5.08
CA ILE A 78 4.17 -1.78 -4.52
C ILE A 78 5.56 -1.32 -4.05
N LEU A 79 5.87 -0.06 -4.34
CA LEU A 79 7.18 0.53 -3.99
C LEU A 79 7.10 2.00 -3.68
N ALA A 80 5.93 2.57 -3.80
CA ALA A 80 5.82 3.99 -3.52
C ALA A 80 4.42 4.46 -3.15
N VAL A 81 4.35 5.35 -2.14
CA VAL A 81 3.08 5.93 -1.72
C VAL A 81 3.24 7.42 -1.39
N ASN A 82 2.21 8.19 -1.72
CA ASN A 82 2.18 9.65 -1.47
C ASN A 82 3.47 10.37 -1.87
N GLY A 83 4.20 9.81 -2.82
CA GLY A 83 5.45 10.44 -3.26
C GLY A 83 6.60 9.46 -3.24
N VAL A 84 6.32 8.28 -3.73
CA VAL A 84 7.24 7.17 -3.78
C VAL A 84 8.00 7.01 -2.48
N ASN A 85 7.34 6.45 -1.47
CA ASN A 85 8.01 6.17 -0.22
C ASN A 85 7.79 4.76 0.29
N LEU A 86 8.66 3.83 -0.03
CA LEU A 86 8.64 2.52 0.54
C LEU A 86 10.00 2.30 1.16
N ARG A 87 10.09 2.62 2.43
CA ARG A 87 11.34 2.53 3.17
C ARG A 87 11.86 1.13 3.32
N ASP A 88 13.19 1.02 3.21
CA ASP A 88 13.83 -0.26 3.25
C ASP A 88 14.18 -0.76 4.65
N THR A 89 13.27 -1.56 5.14
CA THR A 89 13.38 -2.28 6.41
C THR A 89 12.45 -3.47 6.30
N LYS A 90 11.25 -3.24 6.75
CA LYS A 90 10.16 -4.18 6.69
C LYS A 90 8.99 -3.44 6.16
N HIS A 91 7.97 -4.16 5.81
CA HIS A 91 6.77 -3.55 5.24
C HIS A 91 6.30 -2.35 6.01
N LYS A 92 6.46 -2.39 7.32
CA LYS A 92 5.99 -1.29 8.14
C LYS A 92 6.64 0.00 7.73
N GLU A 93 7.69 -0.12 6.96
CA GLU A 93 8.36 1.05 6.44
C GLU A 93 7.38 1.77 5.51
N ALA A 94 6.41 1.00 5.00
CA ALA A 94 5.36 1.56 4.16
C ALA A 94 4.24 2.04 5.07
N VAL A 95 3.99 1.24 6.10
CA VAL A 95 2.97 1.53 7.09
C VAL A 95 3.23 2.87 7.74
N THR A 96 4.47 3.08 8.12
CA THR A 96 4.88 4.33 8.73
C THR A 96 4.64 5.44 7.74
N ILE A 97 4.90 5.12 6.49
CA ILE A 97 4.75 6.04 5.39
C ILE A 97 3.28 6.35 5.12
N LEU A 98 2.43 5.30 5.06
CA LEU A 98 1.02 5.48 4.81
C LEU A 98 0.27 5.99 6.04
N SER A 99 0.68 5.53 7.21
CA SER A 99 0.05 5.90 8.47
C SER A 99 0.12 7.40 8.75
N GLN A 100 1.33 7.95 8.73
CA GLN A 100 1.55 9.36 9.07
C GLN A 100 1.34 10.31 7.89
N GLN A 101 1.34 9.81 6.66
CA GLN A 101 1.16 10.67 5.49
C GLN A 101 -0.13 11.51 5.60
N ARG A 102 -1.12 11.23 4.74
CA ARG A 102 -2.38 11.95 4.74
C ARG A 102 -3.50 11.02 4.33
N GLY A 103 -4.74 11.51 4.33
CA GLY A 103 -5.86 10.67 3.94
C GLY A 103 -5.78 10.19 2.50
N GLU A 104 -4.79 10.67 1.78
CA GLU A 104 -4.59 10.30 0.39
C GLU A 104 -3.45 9.29 0.25
N ILE A 105 -3.77 8.11 -0.22
CA ILE A 105 -2.78 7.12 -0.44
C ILE A 105 -2.50 7.05 -1.90
N GLU A 106 -1.33 7.46 -2.24
CA GLU A 106 -0.90 7.42 -3.61
C GLU A 106 -0.15 6.15 -3.80
N PHE A 107 -0.61 5.37 -4.70
CA PHE A 107 0.00 4.09 -4.94
C PHE A 107 0.75 4.02 -6.26
N GLU A 108 2.05 3.80 -6.16
CA GLU A 108 2.87 3.60 -7.34
C GLU A 108 3.25 2.16 -7.35
N VAL A 109 2.77 1.48 -8.37
CA VAL A 109 2.96 0.05 -8.42
C VAL A 109 3.69 -0.42 -9.65
N VAL A 110 4.44 -1.49 -9.45
CA VAL A 110 5.21 -2.10 -10.53
C VAL A 110 4.74 -3.52 -10.82
N TYR A 111 4.92 -3.95 -12.07
CA TYR A 111 4.52 -5.29 -12.48
C TYR A 111 5.57 -6.32 -12.09
N VAL A 112 5.15 -7.36 -11.39
CA VAL A 112 6.06 -8.41 -10.97
C VAL A 112 6.40 -9.35 -12.13
N GLU B 1 1.97 -7.76 12.03
CA GLU B 1 1.33 -7.14 13.22
C GLU B 1 2.37 -6.46 14.10
N GLU B 2 3.30 -7.26 14.62
CA GLU B 2 4.36 -6.74 15.49
C GLU B 2 5.65 -6.56 14.72
N VAL B 3 5.90 -7.44 13.76
CA VAL B 3 7.11 -7.38 12.95
C VAL B 3 7.14 -6.09 12.14
N GLN B 4 6.35 -6.04 11.06
CA GLN B 4 6.31 -4.85 10.24
C GLN B 4 5.27 -4.93 9.10
N ASP B 5 4.88 -6.15 8.67
CA ASP B 5 3.86 -6.31 7.60
C ASP B 5 2.59 -5.54 7.99
N THR B 6 1.55 -5.48 7.13
CA THR B 6 0.38 -4.70 7.54
C THR B 6 -0.87 -4.88 6.68
N ARG B 7 -1.97 -4.40 7.25
CA ARG B 7 -3.29 -4.40 6.61
C ARG B 7 -3.89 -3.01 6.75
N LEU B 8 -4.26 -2.40 5.63
CA LEU B 8 -4.84 -1.06 5.63
C LEU B 8 -6.34 -1.11 5.43
N GLY A 27 7.40 -3.38 -13.83
CA GLY A 27 6.79 -2.15 -14.40
C GLY A 27 6.03 -1.33 -13.38
N ILE A 28 6.20 -0.02 -13.42
CA ILE A 28 5.53 0.87 -12.49
C ILE A 28 4.10 1.14 -12.88
N ARG A 29 3.27 1.14 -11.88
CA ARG A 29 1.84 1.38 -12.04
C ARG A 29 1.35 2.33 -10.96
N LYS A 30 0.78 3.45 -11.38
CA LYS A 30 0.29 4.44 -10.47
C LYS A 30 -1.21 4.44 -10.37
N VAL A 31 -1.65 4.19 -9.15
CA VAL A 31 -3.05 4.18 -8.80
C VAL A 31 -3.28 5.26 -7.75
N LEU A 32 -4.11 6.24 -8.09
CA LEU A 32 -4.38 7.34 -7.17
C LEU A 32 -5.65 7.10 -6.39
N LEU A 33 -5.50 6.92 -5.09
CA LEU A 33 -6.63 6.69 -4.21
C LEU A 33 -6.83 7.86 -3.26
N LEU A 34 -7.89 8.61 -3.48
CA LEU A 34 -8.21 9.76 -2.65
C LEU A 34 -9.52 9.55 -1.92
N LYS A 35 -9.38 9.26 -0.65
CA LYS A 35 -10.52 9.03 0.23
C LYS A 35 -10.85 10.27 1.04
N GLU A 36 -12.07 10.31 1.57
CA GLU A 36 -12.54 11.44 2.35
C GLU A 36 -12.15 11.31 3.82
N ASP A 37 -11.68 12.41 4.40
CA ASP A 37 -11.28 12.43 5.81
C ASP A 37 -10.39 11.25 6.16
N HIS A 38 -9.70 10.71 5.15
CA HIS A 38 -8.80 9.57 5.35
C HIS A 38 -9.48 8.49 6.19
N GLU A 39 -10.81 8.41 6.10
CA GLU A 39 -11.57 7.41 6.85
C GLU A 39 -11.12 6.00 6.48
N GLY A 40 -10.02 5.54 7.08
CA GLY A 40 -9.52 4.21 6.78
C GLY A 40 -9.27 4.04 5.29
N LEU A 41 -8.62 2.95 4.90
CA LEU A 41 -8.36 2.73 3.48
C LEU A 41 -9.22 1.61 2.92
N GLY A 42 -8.86 0.38 3.23
CA GLY A 42 -9.59 -0.77 2.73
C GLY A 42 -8.69 -1.69 1.93
N ILE A 43 -7.40 -1.60 2.21
CA ILE A 43 -6.39 -2.41 1.55
C ILE A 43 -5.43 -2.95 2.57
N SER A 44 -4.76 -4.02 2.19
CA SER A 44 -3.81 -4.64 3.08
C SER A 44 -2.50 -4.89 2.37
N ILE A 45 -1.43 -4.81 3.13
CA ILE A 45 -0.10 -4.99 2.58
C ILE A 45 0.74 -5.90 3.47
N THR A 46 1.77 -6.47 2.87
CA THR A 46 2.65 -7.37 3.57
C THR A 46 4.00 -7.39 2.87
N GLY A 47 5.06 -7.36 3.64
CA GLY A 47 6.37 -7.35 3.09
C GLY A 47 7.34 -6.66 4.00
N GLY A 48 8.59 -6.81 3.66
CA GLY A 48 9.67 -6.21 4.43
C GLY A 48 10.89 -7.10 4.46
N LYS A 49 11.84 -6.80 5.34
CA LYS A 49 13.06 -7.60 5.45
C LYS A 49 12.79 -8.91 6.18
N GLU A 50 11.64 -9.00 6.85
CA GLU A 50 11.28 -10.21 7.58
C GLU A 50 10.81 -11.28 6.61
N HIS A 51 10.03 -10.88 5.61
CA HIS A 51 9.54 -11.81 4.63
C HIS A 51 10.39 -11.76 3.39
N GLY A 52 11.51 -11.08 3.51
CA GLY A 52 12.41 -10.94 2.39
C GLY A 52 11.71 -10.34 1.18
N VAL A 53 10.60 -9.63 1.41
CA VAL A 53 9.86 -9.03 0.30
C VAL A 53 9.59 -7.55 0.49
N PRO A 54 9.08 -6.93 -0.57
CA PRO A 54 8.69 -5.54 -0.60
C PRO A 54 7.29 -5.42 -0.03
N ILE A 55 6.75 -4.23 0.17
CA ILE A 55 5.40 -4.16 0.69
C ILE A 55 4.44 -4.58 -0.41
N LEU A 56 3.87 -5.76 -0.29
CA LEU A 56 2.97 -6.25 -1.32
C LEU A 56 1.51 -6.27 -0.88
N ILE A 57 0.62 -6.01 -1.83
CA ILE A 57 -0.80 -6.03 -1.58
C ILE A 57 -1.24 -7.49 -1.40
N SER A 58 -1.99 -7.78 -0.33
CA SER A 58 -2.40 -9.15 -0.06
C SER A 58 -3.89 -9.29 0.26
N GLU A 59 -4.55 -8.22 0.71
CA GLU A 59 -5.95 -8.30 1.03
C GLU A 59 -6.69 -7.08 0.51
N ILE A 60 -7.59 -7.31 -0.42
CA ILE A 60 -8.36 -6.22 -1.01
C ILE A 60 -9.85 -6.48 -0.90
N HIS A 61 -10.47 -5.72 -0.02
CA HIS A 61 -11.90 -5.80 0.22
C HIS A 61 -12.70 -5.24 -0.95
N PRO A 62 -13.79 -5.91 -1.35
CA PRO A 62 -14.63 -5.44 -2.45
C PRO A 62 -15.15 -4.04 -2.19
N GLY A 63 -15.20 -3.22 -3.24
CA GLY A 63 -15.67 -1.89 -3.12
C GLY A 63 -14.77 -1.01 -2.27
N GLN A 64 -13.69 -1.59 -1.80
CA GLN A 64 -12.72 -0.89 -1.02
C GLN A 64 -11.64 -0.47 -1.98
N PRO A 65 -10.73 0.42 -1.58
CA PRO A 65 -9.64 0.93 -2.39
C PRO A 65 -9.40 0.20 -3.73
N ALA A 66 -10.05 -0.95 -3.96
CA ALA A 66 -9.90 -1.64 -5.22
C ALA A 66 -10.89 -1.05 -6.21
N ASP A 67 -12.04 -0.68 -5.68
CA ASP A 67 -13.09 -0.07 -6.46
C ASP A 67 -13.11 1.44 -6.22
N ARG A 68 -12.33 1.92 -5.23
CA ARG A 68 -12.33 3.36 -4.95
C ARG A 68 -11.22 4.07 -5.71
N CYS A 69 -10.18 3.33 -6.03
CA CYS A 69 -9.09 3.87 -6.82
C CYS A 69 -9.17 3.26 -8.20
N GLY A 70 -10.25 2.51 -8.42
CA GLY A 70 -10.47 1.86 -9.70
C GLY A 70 -9.22 1.18 -10.25
N GLY A 71 -8.19 1.01 -9.43
CA GLY A 71 -6.97 0.39 -9.91
C GLY A 71 -6.18 -0.40 -8.88
N LEU A 72 -6.77 -0.68 -7.71
CA LEU A 72 -6.12 -1.41 -6.70
C LEU A 72 -6.57 -2.86 -6.72
N HIS A 73 -5.68 -3.74 -6.31
CA HIS A 73 -5.97 -5.16 -6.28
C HIS A 73 -4.74 -5.98 -5.89
N VAL A 74 -5.02 -7.04 -5.17
CA VAL A 74 -4.00 -7.95 -4.68
C VAL A 74 -3.26 -8.69 -5.78
N GLY A 75 -2.02 -8.97 -5.51
CA GLY A 75 -1.18 -9.68 -6.46
C GLY A 75 -0.09 -8.80 -7.03
N ASP A 76 -0.28 -7.49 -6.90
CA ASP A 76 0.67 -6.53 -7.38
C ASP A 76 1.66 -6.18 -6.29
N ALA A 77 2.85 -5.85 -6.71
CA ALA A 77 3.91 -5.45 -5.81
C ALA A 77 3.87 -3.95 -5.59
N ILE A 78 3.98 -3.54 -4.35
CA ILE A 78 3.92 -2.13 -3.99
C ILE A 78 5.29 -1.58 -3.64
N LEU A 79 5.71 -0.59 -4.40
CA LEU A 79 7.01 0.05 -4.21
C LEU A 79 6.91 1.30 -3.37
N ALA A 80 5.88 2.10 -3.62
CA ALA A 80 5.75 3.36 -2.91
C ALA A 80 4.36 3.96 -2.97
N VAL A 81 4.19 5.10 -2.28
CA VAL A 81 2.93 5.81 -2.26
C VAL A 81 3.14 7.30 -2.29
N ASN A 82 2.12 7.97 -2.81
CA ASN A 82 2.10 9.43 -2.93
C ASN A 82 3.23 9.96 -3.82
N GLY A 83 3.98 9.06 -4.46
CA GLY A 83 5.06 9.49 -5.34
C GLY A 83 6.43 9.44 -4.70
N VAL A 84 6.52 8.83 -3.52
CA VAL A 84 7.79 8.72 -2.83
C VAL A 84 8.15 7.26 -2.60
N ASN A 85 9.35 6.87 -3.05
CA ASN A 85 9.80 5.50 -2.87
C ASN A 85 9.91 5.16 -1.42
N LEU A 86 9.24 4.09 -1.02
CA LEU A 86 9.28 3.71 0.34
C LEU A 86 10.12 2.51 0.50
N ARG A 87 11.38 2.75 0.65
CA ARG A 87 12.27 1.68 0.93
C ARG A 87 12.16 1.52 2.41
N ASP A 88 11.32 0.59 2.79
CA ASP A 88 11.06 0.33 4.17
C ASP A 88 11.12 -1.13 4.48
N THR A 89 12.22 -1.57 5.02
CA THR A 89 12.30 -2.98 5.39
C THR A 89 11.15 -3.24 6.32
N LYS A 90 10.99 -2.35 7.27
CA LYS A 90 9.88 -2.47 8.19
C LYS A 90 8.65 -2.09 7.45
N HIS A 91 7.70 -2.95 7.56
CA HIS A 91 6.44 -2.75 6.90
C HIS A 91 5.74 -1.55 7.50
N LYS A 92 5.86 -1.46 8.82
CA LYS A 92 5.27 -0.37 9.55
C LYS A 92 5.88 0.96 9.14
N GLU A 93 7.09 0.92 8.58
CA GLU A 93 7.72 2.14 8.13
C GLU A 93 6.91 2.75 6.99
N ALA A 94 6.16 1.90 6.28
CA ALA A 94 5.30 2.34 5.19
C ALA A 94 3.99 2.87 5.75
N VAL A 95 3.44 2.12 6.69
CA VAL A 95 2.17 2.46 7.32
C VAL A 95 2.24 3.84 7.96
N THR A 96 3.35 4.13 8.61
CA THR A 96 3.54 5.43 9.24
C THR A 96 3.51 6.49 8.16
N ILE A 97 4.13 6.13 7.05
CA ILE A 97 4.23 6.99 5.89
C ILE A 97 2.87 7.17 5.20
N LEU A 98 2.16 6.05 4.99
CA LEU A 98 0.87 6.11 4.34
C LEU A 98 -0.22 6.65 5.28
N SER A 99 -0.05 6.39 6.57
CA SER A 99 -1.01 6.81 7.59
C SER A 99 -1.24 8.32 7.60
N GLN A 100 -0.16 9.09 7.71
CA GLN A 100 -0.26 10.55 7.80
C GLN A 100 0.11 11.27 6.51
N GLN A 101 0.44 10.54 5.44
CA GLN A 101 0.80 11.20 4.18
C GLN A 101 -0.25 12.25 3.79
N ARG A 102 -1.23 11.84 2.97
CA ARG A 102 -2.29 12.73 2.53
C ARG A 102 -3.54 11.90 2.25
N GLY A 103 -4.65 12.56 1.97
CA GLY A 103 -5.88 11.82 1.70
C GLY A 103 -5.81 11.02 0.42
N GLU A 104 -4.79 11.28 -0.35
CA GLU A 104 -4.57 10.59 -1.61
C GLU A 104 -3.45 9.55 -1.50
N ILE A 105 -3.78 8.28 -1.70
CA ILE A 105 -2.80 7.26 -1.67
C ILE A 105 -2.44 6.93 -3.07
N GLU A 106 -1.23 7.26 -3.41
CA GLU A 106 -0.74 6.98 -4.72
C GLU A 106 0.01 5.70 -4.65
N PHE A 107 -0.46 4.75 -5.38
CA PHE A 107 0.15 3.44 -5.37
C PHE A 107 1.02 3.19 -6.58
N GLU A 108 2.30 2.98 -6.32
CA GLU A 108 3.24 2.62 -7.36
C GLU A 108 3.49 1.15 -7.22
N VAL A 109 3.09 0.40 -8.23
CA VAL A 109 3.19 -1.04 -8.13
C VAL A 109 3.98 -1.69 -9.25
N VAL A 110 4.48 -2.87 -8.93
CA VAL A 110 5.25 -3.66 -9.89
C VAL A 110 4.71 -5.08 -10.00
N TYR A 111 4.89 -5.70 -11.16
CA TYR A 111 4.43 -7.07 -11.39
C TYR A 111 5.48 -8.08 -10.99
N VAL A 112 5.14 -8.93 -10.01
CA VAL A 112 6.07 -9.94 -9.53
C VAL A 112 6.30 -11.02 -10.59
N GLU B 1 8.96 -6.70 18.33
CA GLU B 1 8.18 -7.41 17.29
C GLU B 1 7.85 -6.48 16.12
N GLU B 2 7.44 -7.06 15.00
CA GLU B 2 7.10 -6.29 13.81
C GLU B 2 6.65 -7.21 12.68
N VAL B 3 7.44 -8.26 12.44
CA VAL B 3 7.15 -9.23 11.38
C VAL B 3 6.75 -8.55 10.08
N GLN B 4 7.25 -7.33 9.89
CA GLN B 4 6.99 -6.53 8.69
C GLN B 4 5.71 -6.94 7.93
N ASP B 5 4.57 -6.32 8.31
CA ASP B 5 3.26 -6.58 7.68
C ASP B 5 2.28 -5.45 8.08
N THR B 6 1.17 -5.27 7.33
CA THR B 6 0.22 -4.19 7.68
C THR B 6 -1.14 -4.29 6.98
N ARG B 7 -2.12 -3.56 7.55
CA ARG B 7 -3.49 -3.50 7.01
C ARG B 7 -4.00 -2.05 7.00
N LEU B 8 -4.51 -1.59 5.86
CA LEU B 8 -5.02 -0.22 5.72
C LEU B 8 -6.53 -0.19 5.50
N GLY A 27 7.32 -2.40 -14.60
CA GLY A 27 5.97 -1.92 -15.03
C GLY A 27 5.27 -1.11 -13.96
N ILE A 28 5.54 0.19 -13.94
CA ILE A 28 4.92 1.08 -12.95
C ILE A 28 3.52 1.46 -13.34
N ARG A 29 2.68 1.46 -12.34
CA ARG A 29 1.26 1.80 -12.50
C ARG A 29 0.80 2.65 -11.33
N LYS A 30 0.36 3.88 -11.63
CA LYS A 30 -0.08 4.80 -10.62
C LYS A 30 -1.58 4.86 -10.51
N VAL A 31 -2.02 4.52 -9.32
CA VAL A 31 -3.43 4.58 -8.95
C VAL A 31 -3.58 5.61 -7.86
N LEU A 32 -4.36 6.65 -8.13
CA LEU A 32 -4.53 7.73 -7.18
C LEU A 32 -5.73 7.50 -6.26
N LEU A 33 -5.44 7.35 -4.97
CA LEU A 33 -6.47 7.17 -3.97
C LEU A 33 -6.47 8.38 -3.05
N LEU A 34 -7.62 9.01 -2.94
CA LEU A 34 -7.77 10.20 -2.11
C LEU A 34 -8.75 9.96 -0.97
N LYS A 35 -8.19 9.75 0.19
CA LYS A 35 -8.96 9.53 1.40
C LYS A 35 -9.05 10.81 2.22
N GLU A 36 -10.02 10.86 3.12
CA GLU A 36 -10.22 12.03 3.97
C GLU A 36 -10.53 11.63 5.40
N ASP A 37 -10.11 12.46 6.34
CA ASP A 37 -10.33 12.19 7.76
C ASP A 37 -9.70 10.86 8.18
N HIS A 38 -8.65 10.46 7.46
CA HIS A 38 -7.94 9.22 7.76
C HIS A 38 -8.93 8.08 8.04
N GLU A 39 -10.02 8.05 7.28
CA GLU A 39 -11.03 7.00 7.45
C GLU A 39 -10.43 5.61 7.26
N GLY A 40 -9.30 5.55 6.57
CA GLY A 40 -8.65 4.28 6.32
C GLY A 40 -8.52 4.01 4.83
N LEU A 41 -7.91 2.88 4.48
CA LEU A 41 -7.75 2.54 3.07
C LEU A 41 -8.49 1.25 2.71
N GLY A 42 -8.80 0.46 3.73
CA GLY A 42 -9.51 -0.79 3.49
C GLY A 42 -8.75 -1.70 2.54
N ILE A 43 -7.43 -1.61 2.61
CA ILE A 43 -6.54 -2.42 1.78
C ILE A 43 -5.43 -2.98 2.63
N SER A 44 -4.81 -4.07 2.17
CA SER A 44 -3.75 -4.67 2.94
C SER A 44 -2.55 -4.92 2.07
N ILE A 45 -1.38 -4.84 2.68
CA ILE A 45 -0.13 -5.07 1.99
C ILE A 45 0.80 -5.89 2.86
N THR A 46 1.77 -6.55 2.21
CA THR A 46 2.72 -7.39 2.92
C THR A 46 3.94 -7.64 2.07
N GLY A 47 5.07 -7.87 2.73
CA GLY A 47 6.27 -8.12 2.01
C GLY A 47 7.44 -7.43 2.64
N GLY A 48 8.52 -7.43 1.90
CA GLY A 48 9.74 -6.79 2.34
C GLY A 48 10.96 -7.69 2.21
N LYS A 49 12.06 -7.25 2.80
CA LYS A 49 13.29 -8.02 2.77
C LYS A 49 13.20 -9.17 3.77
N GLU A 50 12.24 -9.05 4.70
CA GLU A 50 12.03 -10.08 5.71
C GLU A 50 11.14 -11.18 5.15
N HIS A 51 10.19 -10.80 4.29
CA HIS A 51 9.31 -11.78 3.68
C HIS A 51 9.84 -12.17 2.32
N GLY A 52 11.05 -11.72 2.04
CA GLY A 52 11.69 -11.99 0.78
C GLY A 52 10.87 -11.48 -0.39
N VAL A 53 10.01 -10.48 -0.13
CA VAL A 53 9.17 -9.93 -1.19
C VAL A 53 9.04 -8.42 -1.13
N PRO A 54 8.32 -7.86 -2.11
CA PRO A 54 8.03 -6.44 -2.20
C PRO A 54 6.75 -6.14 -1.42
N ILE A 55 6.36 -4.88 -1.27
CA ILE A 55 5.12 -4.60 -0.58
C ILE A 55 3.99 -4.99 -1.52
N LEU A 56 3.44 -6.17 -1.31
CA LEU A 56 2.46 -6.68 -2.17
C LEU A 56 1.04 -6.63 -1.61
N ILE A 57 0.09 -6.27 -2.47
CA ILE A 57 -1.31 -6.23 -2.10
C ILE A 57 -1.84 -7.65 -1.94
N SER A 58 -2.49 -7.93 -0.82
CA SER A 58 -3.00 -9.28 -0.57
C SER A 58 -4.42 -9.29 0.02
N GLU A 59 -4.91 -8.14 0.49
CA GLU A 59 -6.23 -8.10 1.05
C GLU A 59 -6.97 -6.85 0.59
N ILE A 60 -8.04 -7.07 -0.15
CA ILE A 60 -8.85 -5.99 -0.67
C ILE A 60 -10.24 -6.07 -0.11
N HIS A 61 -10.56 -5.13 0.76
CA HIS A 61 -11.87 -5.08 1.37
C HIS A 61 -12.90 -4.64 0.33
N PRO A 62 -14.07 -5.30 0.30
CA PRO A 62 -15.11 -4.97 -0.68
C PRO A 62 -15.47 -3.50 -0.68
N GLY A 63 -15.67 -2.99 -1.88
CA GLY A 63 -16.03 -1.62 -2.08
C GLY A 63 -15.28 -0.65 -1.21
N GLN A 64 -14.11 -1.06 -0.79
CA GLN A 64 -13.29 -0.21 0.01
C GLN A 64 -12.36 0.47 -0.94
N PRO A 65 -11.68 1.55 -0.53
CA PRO A 65 -10.79 2.28 -1.41
C PRO A 65 -10.14 1.41 -2.49
N ALA A 66 -10.49 0.12 -2.55
CA ALA A 66 -9.96 -0.75 -3.58
C ALA A 66 -10.84 -0.63 -4.81
N ASP A 67 -12.13 -0.49 -4.53
CA ASP A 67 -13.12 -0.30 -5.56
C ASP A 67 -13.51 1.17 -5.63
N ARG A 68 -13.11 1.96 -4.61
CA ARG A 68 -13.46 3.37 -4.61
C ARG A 68 -12.50 4.17 -5.49
N CYS A 69 -11.30 3.66 -5.67
CA CYS A 69 -10.33 4.31 -6.55
C CYS A 69 -10.50 3.72 -7.94
N GLY A 70 -11.38 2.72 -8.03
CA GLY A 70 -11.64 2.07 -9.30
C GLY A 70 -10.38 1.61 -10.01
N GLY A 71 -9.24 1.69 -9.33
CA GLY A 71 -7.99 1.27 -9.95
C GLY A 71 -7.17 0.31 -9.10
N LEU A 72 -7.66 0.00 -7.90
CA LEU A 72 -6.98 -0.88 -7.01
C LEU A 72 -7.47 -2.30 -7.15
N HIS A 73 -6.57 -3.21 -6.85
CA HIS A 73 -6.84 -4.63 -6.92
C HIS A 73 -5.60 -5.45 -6.59
N VAL A 74 -5.84 -6.51 -5.83
CA VAL A 74 -4.82 -7.43 -5.40
C VAL A 74 -4.21 -8.22 -6.54
N GLY A 75 -2.94 -8.52 -6.39
CA GLY A 75 -2.22 -9.27 -7.40
C GLY A 75 -1.07 -8.47 -7.97
N ASP A 76 -1.17 -7.16 -7.83
CA ASP A 76 -0.15 -6.26 -8.29
C ASP A 76 0.87 -6.05 -7.20
N ALA A 77 2.07 -5.77 -7.64
CA ALA A 77 3.18 -5.53 -6.73
C ALA A 77 3.21 -4.05 -6.39
N ILE A 78 3.31 -3.77 -5.10
CA ILE A 78 3.32 -2.39 -4.62
C ILE A 78 4.72 -2.00 -4.17
N LEU A 79 5.21 -0.95 -4.78
CA LEU A 79 6.55 -0.42 -4.47
C LEU A 79 6.50 0.78 -3.58
N ALA A 80 5.69 1.74 -3.97
CA ALA A 80 5.63 2.98 -3.23
C ALA A 80 4.27 3.66 -3.24
N VAL A 81 4.22 4.78 -2.50
CA VAL A 81 3.02 5.58 -2.43
C VAL A 81 3.35 7.04 -2.48
N ASN A 82 2.39 7.80 -2.96
CA ASN A 82 2.55 9.25 -3.10
C ASN A 82 3.47 9.58 -4.27
N GLY A 83 4.25 8.61 -4.71
CA GLY A 83 5.16 8.80 -5.81
C GLY A 83 6.61 8.58 -5.42
N VAL A 84 6.84 8.06 -4.22
CA VAL A 84 8.19 7.82 -3.73
C VAL A 84 8.38 6.39 -3.23
N ASN A 85 9.47 5.74 -3.66
CA ASN A 85 9.78 4.38 -3.23
C ASN A 85 9.95 4.36 -1.75
N LEU A 86 9.30 3.41 -1.09
CA LEU A 86 9.43 3.36 0.33
C LEU A 86 10.36 2.31 0.76
N ARG A 87 11.59 2.67 0.77
CA ARG A 87 12.56 1.77 1.31
C ARG A 87 12.75 2.24 2.73
N ASP A 88 12.01 1.60 3.60
CA ASP A 88 12.07 1.90 5.00
C ASP A 88 12.16 0.63 5.79
N THR A 89 13.36 0.27 6.16
CA THR A 89 13.60 -0.96 6.93
C THR A 89 12.83 -2.10 6.31
N LYS A 90 11.63 -2.26 6.81
CA LYS A 90 10.71 -3.28 6.37
C LYS A 90 9.39 -2.63 6.00
N HIS A 91 8.59 -3.43 5.38
CA HIS A 91 7.27 -3.04 4.87
C HIS A 91 6.44 -2.27 5.89
N LYS A 92 6.56 -2.63 7.16
CA LYS A 92 5.78 -1.98 8.19
C LYS A 92 6.08 -0.50 8.30
N GLU A 93 7.24 -0.11 7.85
CA GLU A 93 7.58 1.28 7.87
C GLU A 93 6.62 2.03 6.94
N ALA A 94 6.04 1.30 6.00
CA ALA A 94 5.07 1.90 5.09
C ALA A 94 3.78 2.20 5.83
N VAL A 95 3.31 1.23 6.61
CA VAL A 95 2.10 1.39 7.39
C VAL A 95 2.28 2.54 8.36
N THR A 96 3.41 2.52 9.04
CA THR A 96 3.73 3.57 9.99
C THR A 96 3.83 4.89 9.26
N ILE A 97 4.35 4.80 8.05
CA ILE A 97 4.53 5.95 7.18
C ILE A 97 3.18 6.55 6.80
N LEU A 98 2.24 5.69 6.38
CA LEU A 98 0.92 6.16 6.01
C LEU A 98 0.09 6.47 7.25
N SER A 99 0.20 5.63 8.27
CA SER A 99 -0.54 5.82 9.52
C SER A 99 -0.26 7.20 10.12
N GLN A 100 0.94 7.73 9.83
CA GLN A 100 1.33 9.03 10.36
C GLN A 100 0.97 10.16 9.40
N GLN A 101 -0.12 9.99 8.64
CA GLN A 101 -0.55 10.99 7.70
C GLN A 101 -1.78 10.54 6.92
N ARG A 102 -2.60 11.50 6.50
CA ARG A 102 -3.81 11.20 5.74
C ARG A 102 -3.82 11.98 4.43
N GLY A 103 -4.63 11.55 3.45
CA GLY A 103 -4.69 12.25 2.19
C GLY A 103 -4.71 11.29 1.02
N GLU A 104 -4.20 11.73 -0.12
CA GLU A 104 -4.18 10.89 -1.31
C GLU A 104 -2.97 9.97 -1.34
N ILE A 105 -3.21 8.66 -1.33
CA ILE A 105 -2.19 7.75 -1.40
C ILE A 105 -2.08 7.28 -2.80
N GLU A 106 -0.93 7.51 -3.30
CA GLU A 106 -0.62 7.15 -4.66
C GLU A 106 -0.01 5.80 -4.68
N PHE A 107 -0.58 4.97 -5.50
CA PHE A 107 -0.12 3.60 -5.60
C PHE A 107 0.71 3.37 -6.85
N GLU A 108 1.96 3.02 -6.64
CA GLU A 108 2.85 2.66 -7.74
C GLU A 108 3.04 1.19 -7.67
N VAL A 109 2.59 0.49 -8.70
CA VAL A 109 2.67 -0.95 -8.67
C VAL A 109 3.45 -1.55 -9.81
N VAL A 110 3.97 -2.73 -9.54
CA VAL A 110 4.75 -3.48 -10.52
C VAL A 110 4.08 -4.80 -10.86
N TYR A 111 3.97 -5.10 -12.15
CA TYR A 111 3.36 -6.34 -12.60
C TYR A 111 4.34 -7.50 -12.54
N VAL A 112 4.12 -8.39 -11.58
CA VAL A 112 4.99 -9.55 -11.41
C VAL A 112 4.23 -10.85 -11.67
N GLU B 1 12.67 -4.24 15.42
CA GLU B 1 11.64 -4.53 16.45
C GLU B 1 10.45 -5.29 15.84
N GLU B 2 10.35 -6.57 16.17
CA GLU B 2 9.27 -7.40 15.65
C GLU B 2 9.31 -7.46 14.14
N VAL B 3 8.33 -8.14 13.55
CA VAL B 3 8.25 -8.28 12.10
C VAL B 3 7.79 -6.96 11.46
N GLN B 4 7.44 -7.01 10.18
CA GLN B 4 7.01 -5.81 9.49
C GLN B 4 6.10 -6.15 8.28
N ASP B 5 4.87 -5.60 8.30
CA ASP B 5 3.87 -5.80 7.24
C ASP B 5 2.83 -4.67 7.30
N THR B 6 1.73 -4.73 6.52
CA THR B 6 0.76 -3.61 6.55
C THR B 6 -0.70 -4.00 6.32
N ARG B 7 -1.60 -3.27 7.00
CA ARG B 7 -3.05 -3.45 6.87
C ARG B 7 -3.74 -2.08 6.95
N LEU B 8 -4.27 -1.62 5.82
CA LEU B 8 -4.94 -0.32 5.76
C LEU B 8 -6.45 -0.46 5.57
N GLY A 27 6.92 -4.49 -15.55
CA GLY A 27 6.79 -4.95 -14.14
C GLY A 27 6.08 -3.93 -13.26
N ILE A 28 6.22 -2.66 -13.60
CA ILE A 28 5.59 -1.59 -12.84
C ILE A 28 4.14 -1.40 -13.21
N ARG A 29 3.35 -1.20 -12.19
CA ARG A 29 1.92 -0.99 -12.32
C ARG A 29 1.46 0.08 -11.35
N LYS A 30 0.95 1.18 -11.90
CA LYS A 30 0.52 2.29 -11.11
C LYS A 30 -0.98 2.31 -10.91
N VAL A 31 -1.33 2.24 -9.65
CA VAL A 31 -2.72 2.30 -9.22
C VAL A 31 -2.89 3.63 -8.51
N LEU A 32 -3.74 4.48 -9.05
CA LEU A 32 -3.93 5.80 -8.47
C LEU A 32 -5.19 5.86 -7.63
N LEU A 33 -4.99 6.05 -6.34
CA LEU A 33 -6.09 6.15 -5.41
C LEU A 33 -6.18 7.55 -4.84
N LEU A 34 -7.29 8.21 -5.08
CA LEU A 34 -7.51 9.56 -4.60
C LEU A 34 -8.58 9.58 -3.52
N LYS A 35 -8.10 9.66 -2.30
CA LYS A 35 -8.98 9.70 -1.12
C LYS A 35 -9.15 11.13 -0.62
N GLU A 36 -10.40 11.48 -0.33
CA GLU A 36 -10.71 12.83 0.16
C GLU A 36 -11.73 12.77 1.28
N ASP A 37 -11.52 13.58 2.32
CA ASP A 37 -12.44 13.63 3.46
C ASP A 37 -12.53 12.28 4.15
N HIS A 38 -13.31 11.37 3.56
CA HIS A 38 -13.52 10.02 4.11
C HIS A 38 -12.47 9.65 5.15
N GLU A 39 -11.21 9.58 4.73
CA GLU A 39 -10.09 9.24 5.63
C GLU A 39 -9.76 7.76 5.53
N GLY A 40 -8.66 7.35 6.18
CA GLY A 40 -8.26 5.96 6.14
C GLY A 40 -8.25 5.41 4.73
N LEU A 41 -8.01 4.10 4.59
CA LEU A 41 -7.97 3.51 3.26
C LEU A 41 -8.94 2.32 3.17
N GLY A 42 -8.63 1.26 3.90
CA GLY A 42 -9.45 0.07 3.88
C GLY A 42 -8.73 -1.10 3.23
N ILE A 43 -7.41 -0.99 3.18
CA ILE A 43 -6.56 -2.02 2.59
C ILE A 43 -5.52 -2.46 3.56
N SER A 44 -4.99 -3.64 3.29
CA SER A 44 -3.97 -4.20 4.16
C SER A 44 -2.77 -4.60 3.35
N ILE A 45 -1.61 -4.46 3.99
CA ILE A 45 -0.36 -4.75 3.34
C ILE A 45 0.59 -5.49 4.27
N THR A 46 1.59 -6.15 3.70
CA THR A 46 2.54 -6.92 4.50
C THR A 46 3.86 -7.15 3.77
N GLY A 47 4.96 -7.02 4.51
CA GLY A 47 6.27 -7.22 3.96
C GLY A 47 7.31 -6.62 4.88
N GLY A 48 8.32 -6.02 4.30
CA GLY A 48 9.37 -5.39 5.08
C GLY A 48 10.74 -5.59 4.47
N LYS A 49 11.69 -4.76 4.87
CA LYS A 49 13.05 -4.87 4.33
C LYS A 49 13.83 -5.98 5.01
N GLU A 50 13.35 -6.43 6.18
CA GLU A 50 14.04 -7.50 6.89
C GLU A 50 13.90 -8.82 6.14
N HIS A 51 12.74 -9.04 5.52
CA HIS A 51 12.54 -10.25 4.74
C HIS A 51 12.79 -9.97 3.27
N GLY A 52 13.44 -8.85 3.03
CA GLY A 52 13.75 -8.45 1.68
C GLY A 52 12.52 -8.33 0.82
N VAL A 53 11.33 -8.23 1.43
CA VAL A 53 10.11 -8.11 0.63
C VAL A 53 9.56 -6.70 0.59
N PRO A 54 8.82 -6.42 -0.49
CA PRO A 54 8.14 -5.15 -0.72
C PRO A 54 6.86 -5.11 0.11
N ILE A 55 6.02 -4.10 -0.06
CA ILE A 55 4.77 -4.09 0.66
C ILE A 55 3.78 -4.92 -0.13
N LEU A 56 3.24 -5.98 0.45
CA LEU A 56 2.33 -6.84 -0.31
C LEU A 56 0.86 -6.67 0.08
N ILE A 57 -0.01 -6.40 -0.91
CA ILE A 57 -1.44 -6.30 -0.64
C ILE A 57 -1.96 -7.69 -0.30
N SER A 58 -2.71 -7.82 0.79
CA SER A 58 -3.23 -9.13 1.18
C SER A 58 -4.67 -9.07 1.69
N GLU A 59 -5.16 -7.89 2.04
CA GLU A 59 -6.51 -7.77 2.54
C GLU A 59 -7.22 -6.58 1.93
N ILE A 60 -8.27 -6.85 1.18
CA ILE A 60 -9.05 -5.79 0.55
C ILE A 60 -10.47 -5.77 1.09
N HIS A 61 -10.73 -4.77 1.91
CA HIS A 61 -12.03 -4.58 2.52
C HIS A 61 -13.05 -4.06 1.50
N PRO A 62 -14.13 -4.80 1.22
CA PRO A 62 -15.16 -4.35 0.27
C PRO A 62 -15.51 -2.90 0.51
N GLY A 63 -15.19 -2.05 -0.45
CA GLY A 63 -15.43 -0.66 -0.33
C GLY A 63 -14.16 0.11 -0.07
N GLN A 64 -13.08 -0.63 -0.04
CA GLN A 64 -11.77 -0.06 0.18
C GLN A 64 -11.16 0.18 -1.15
N PRO A 65 -10.07 0.94 -1.21
CA PRO A 65 -9.36 1.29 -2.43
C PRO A 65 -9.75 0.48 -3.67
N ALA A 66 -10.56 -0.58 -3.52
CA ALA A 66 -11.02 -1.32 -4.68
C ALA A 66 -12.28 -0.63 -5.18
N ASP A 67 -13.05 -0.13 -4.23
CA ASP A 67 -14.24 0.62 -4.52
C ASP A 67 -13.88 2.09 -4.61
N ARG A 68 -12.65 2.45 -4.16
CA ARG A 68 -12.21 3.84 -4.23
C ARG A 68 -11.80 4.22 -5.63
N CYS A 69 -11.90 3.27 -6.56
CA CYS A 69 -11.48 3.53 -7.92
C CYS A 69 -9.97 3.43 -7.96
N GLY A 70 -9.36 3.52 -6.77
CA GLY A 70 -7.92 3.42 -6.67
C GLY A 70 -7.36 2.31 -7.54
N GLY A 71 -8.15 1.25 -7.70
CA GLY A 71 -7.72 0.12 -8.53
C GLY A 71 -6.91 -0.87 -7.74
N LEU A 72 -7.18 -0.97 -6.45
CA LEU A 72 -6.47 -1.84 -5.58
C LEU A 72 -7.12 -3.19 -5.48
N HIS A 73 -6.27 -4.14 -5.21
CA HIS A 73 -6.67 -5.53 -5.08
C HIS A 73 -5.47 -6.43 -4.76
N VAL A 74 -5.76 -7.46 -3.99
CA VAL A 74 -4.79 -8.43 -3.52
C VAL A 74 -4.21 -9.29 -4.63
N GLY A 75 -3.05 -9.86 -4.34
CA GLY A 75 -2.38 -10.73 -5.28
C GLY A 75 -1.22 -10.05 -5.98
N ASP A 76 -1.23 -8.72 -5.96
CA ASP A 76 -0.18 -7.96 -6.57
C ASP A 76 0.84 -7.55 -5.53
N ALA A 77 2.06 -7.41 -5.98
CA ALA A 77 3.14 -7.00 -5.11
C ALA A 77 3.23 -5.49 -5.12
N ILE A 78 3.27 -4.90 -3.94
CA ILE A 78 3.29 -3.48 -3.80
C ILE A 78 4.66 -2.96 -3.35
N LEU A 79 5.31 -2.22 -4.24
CA LEU A 79 6.63 -1.69 -3.97
C LEU A 79 6.60 -0.32 -3.32
N ALA A 80 5.69 0.54 -3.78
CA ALA A 80 5.68 1.90 -3.25
C ALA A 80 4.40 2.68 -3.51
N VAL A 81 4.38 3.91 -2.97
CA VAL A 81 3.25 4.80 -3.15
C VAL A 81 3.71 6.19 -3.53
N ASN A 82 2.81 6.88 -4.21
CA ASN A 82 3.05 8.26 -4.67
C ASN A 82 4.28 8.36 -5.58
N GLY A 83 4.87 7.22 -5.95
CA GLY A 83 6.02 7.24 -6.84
C GLY A 83 7.35 7.12 -6.12
N VAL A 84 7.31 6.75 -4.85
CA VAL A 84 8.54 6.61 -4.08
C VAL A 84 8.67 5.21 -3.49
N ASN A 85 9.73 4.49 -3.89
CA ASN A 85 9.97 3.14 -3.37
C ASN A 85 10.17 3.21 -1.89
N LEU A 86 9.37 2.43 -1.16
CA LEU A 86 9.51 2.46 0.25
C LEU A 86 10.15 1.23 0.75
N ARG A 87 11.43 1.29 0.75
CA ARG A 87 12.15 0.23 1.36
C ARG A 87 12.60 0.78 2.67
N ASP A 88 11.80 0.51 3.70
CA ASP A 88 12.14 0.95 5.02
C ASP A 88 11.93 -0.18 6.00
N THR A 89 12.99 -0.88 6.26
CA THR A 89 12.98 -2.02 7.21
C THR A 89 11.58 -2.47 7.54
N LYS A 90 10.99 -1.72 8.46
CA LYS A 90 9.63 -1.97 8.93
C LYS A 90 8.59 -1.58 7.93
N HIS A 91 7.64 -2.46 7.79
CA HIS A 91 6.51 -2.22 6.91
C HIS A 91 5.77 -0.99 7.40
N LYS A 92 5.72 -0.84 8.72
CA LYS A 92 5.07 0.28 9.34
C LYS A 92 5.74 1.58 8.93
N GLU A 93 7.00 1.50 8.51
CA GLU A 93 7.69 2.69 8.07
C GLU A 93 7.01 3.22 6.81
N ALA A 94 6.34 2.32 6.10
CA ALA A 94 5.56 2.67 4.93
C ALA A 94 4.19 3.12 5.38
N VAL A 95 3.64 2.37 6.32
CA VAL A 95 2.34 2.65 6.87
C VAL A 95 2.30 4.04 7.47
N THR A 96 3.33 4.35 8.22
CA THR A 96 3.45 5.68 8.83
C THR A 96 3.50 6.71 7.73
N ILE A 97 4.16 6.32 6.64
CA ILE A 97 4.32 7.15 5.47
C ILE A 97 2.99 7.33 4.75
N LEU A 98 2.27 6.22 4.55
CA LEU A 98 0.99 6.27 3.87
C LEU A 98 -0.09 6.83 4.78
N SER A 99 -0.01 6.54 6.07
CA SER A 99 -0.98 7.03 7.04
C SER A 99 -1.04 8.55 7.01
N GLN A 100 0.12 9.17 7.24
CA GLN A 100 0.22 10.62 7.24
C GLN A 100 -0.05 11.16 5.84
N GLN A 101 0.34 10.38 4.84
CA GLN A 101 0.15 10.77 3.44
C GLN A 101 -1.31 11.18 3.21
N ARG A 102 -1.53 12.10 2.28
CA ARG A 102 -2.88 12.56 1.96
C ARG A 102 -3.09 12.61 0.45
N GLY A 103 -4.33 12.81 0.03
CA GLY A 103 -4.62 12.88 -1.38
C GLY A 103 -4.60 11.54 -2.07
N GLU A 104 -3.90 11.50 -3.20
CA GLU A 104 -3.81 10.30 -4.01
C GLU A 104 -2.71 9.33 -3.56
N ILE A 105 -3.10 8.09 -3.33
CA ILE A 105 -2.17 7.07 -2.98
C ILE A 105 -1.83 6.35 -4.24
N GLU A 106 -0.62 6.50 -4.64
CA GLU A 106 -0.18 5.87 -5.86
C GLU A 106 0.46 4.57 -5.51
N PHE A 107 -0.08 3.53 -6.07
CA PHE A 107 0.42 2.21 -5.79
C PHE A 107 1.23 1.66 -6.96
N GLU A 108 2.49 1.39 -6.69
CA GLU A 108 3.37 0.80 -7.69
C GLU A 108 3.46 -0.66 -7.36
N VAL A 109 2.97 -1.48 -8.27
CA VAL A 109 2.95 -2.91 -8.01
C VAL A 109 3.54 -3.75 -9.11
N VAL A 110 3.95 -4.95 -8.71
CA VAL A 110 4.54 -5.92 -9.62
C VAL A 110 3.69 -7.18 -9.70
N TYR A 111 3.40 -7.62 -10.92
CA TYR A 111 2.60 -8.82 -11.13
C TYR A 111 3.46 -10.07 -11.06
N VAL A 112 3.16 -10.92 -10.09
CA VAL A 112 3.92 -12.17 -9.91
C VAL A 112 3.52 -13.21 -10.95
N GLU B 1 4.21 -4.37 12.53
CA GLU B 1 4.75 -4.86 13.82
C GLU B 1 6.24 -5.21 13.69
N GLU B 2 7.04 -4.70 14.62
CA GLU B 2 8.48 -4.96 14.61
C GLU B 2 9.14 -4.38 13.37
N VAL B 3 8.98 -5.08 12.24
CA VAL B 3 9.55 -4.63 10.98
C VAL B 3 8.79 -5.24 9.79
N GLN B 4 7.51 -5.54 9.99
CA GLN B 4 6.68 -6.12 8.92
C GLN B 4 5.18 -6.10 9.26
N ASP B 5 4.34 -6.31 8.23
CA ASP B 5 2.88 -6.36 8.39
C ASP B 5 2.29 -4.98 8.70
N THR B 6 1.14 -4.66 8.07
CA THR B 6 0.50 -3.37 8.31
C THR B 6 -0.89 -3.28 7.68
N ARG B 7 -1.70 -2.33 8.18
CA ARG B 7 -3.06 -2.13 7.69
C ARG B 7 -3.29 -0.68 7.23
N LEU B 8 -4.39 -0.46 6.49
CA LEU B 8 -4.73 0.87 5.97
C LEU B 8 -6.24 1.07 5.90
N GLY A 27 5.89 -5.19 -14.42
CA GLY A 27 4.41 -5.03 -14.48
C GLY A 27 3.90 -3.96 -13.53
N ILE A 28 4.30 -2.72 -13.79
CA ILE A 28 3.88 -1.60 -12.95
C ILE A 28 2.47 -1.14 -13.27
N ARG A 29 1.76 -0.85 -12.21
CA ARG A 29 0.38 -0.38 -12.30
C ARG A 29 0.13 0.71 -11.29
N LYS A 30 -0.25 1.88 -11.77
CA LYS A 30 -0.49 3.01 -10.93
C LYS A 30 -1.95 3.26 -10.69
N VAL A 31 -2.29 3.20 -9.43
CA VAL A 31 -3.64 3.46 -8.97
C VAL A 31 -3.63 4.72 -8.14
N LEU A 32 -4.37 5.74 -8.60
CA LEU A 32 -4.41 7.01 -7.91
C LEU A 32 -5.54 7.06 -6.89
N LEU A 33 -5.17 7.10 -5.62
CA LEU A 33 -6.10 7.18 -4.53
C LEU A 33 -5.92 8.51 -3.83
N LEU A 34 -6.94 9.34 -3.88
CA LEU A 34 -6.90 10.65 -3.27
C LEU A 34 -7.94 10.73 -2.17
N LYS A 35 -7.46 10.58 -0.97
CA LYS A 35 -8.28 10.62 0.23
C LYS A 35 -8.19 11.96 0.93
N GLU A 36 -9.16 12.22 1.79
CA GLU A 36 -9.21 13.46 2.56
C GLU A 36 -8.39 13.34 3.83
N ASP A 37 -8.01 14.47 4.41
CA ASP A 37 -7.22 14.50 5.64
C ASP A 37 -7.68 13.45 6.66
N HIS A 38 -8.96 13.05 6.59
CA HIS A 38 -9.51 12.06 7.50
C HIS A 38 -8.53 10.91 7.75
N GLU A 39 -8.11 10.25 6.65
CA GLU A 39 -7.16 9.12 6.71
C GLU A 39 -7.89 7.78 6.57
N GLY A 40 -7.14 6.75 6.20
CA GLY A 40 -7.73 5.43 6.03
C GLY A 40 -7.66 4.95 4.59
N LEU A 41 -7.16 3.74 4.39
CA LEU A 41 -7.04 3.17 3.05
C LEU A 41 -7.84 1.87 2.92
N GLY A 42 -8.33 1.35 4.03
CA GLY A 42 -9.11 0.12 4.01
C GLY A 42 -8.48 -0.98 3.16
N ILE A 43 -7.15 -1.09 3.22
CA ILE A 43 -6.41 -2.10 2.49
C ILE A 43 -5.37 -2.71 3.40
N SER A 44 -4.92 -3.90 3.08
CA SER A 44 -3.94 -4.57 3.91
C SER A 44 -2.77 -5.07 3.09
N ILE A 45 -1.62 -5.07 3.73
CA ILE A 45 -0.38 -5.47 3.08
C ILE A 45 0.48 -6.33 4.00
N THR A 46 1.41 -7.05 3.38
CA THR A 46 2.31 -7.93 4.12
C THR A 46 3.55 -8.27 3.30
N GLY A 47 4.72 -8.21 3.93
CA GLY A 47 5.94 -8.53 3.25
C GLY A 47 7.15 -8.02 4.01
N GLY A 48 8.13 -7.52 3.30
CA GLY A 48 9.31 -6.99 3.92
C GLY A 48 10.50 -6.90 2.98
N LYS A 49 11.12 -5.72 2.93
CA LYS A 49 12.27 -5.51 2.07
C LYS A 49 13.50 -6.20 2.67
N GLU A 50 13.36 -6.64 3.92
CA GLU A 50 14.43 -7.34 4.61
C GLU A 50 14.17 -8.83 4.62
N HIS A 51 12.89 -9.21 4.52
CA HIS A 51 12.51 -10.61 4.52
C HIS A 51 12.47 -11.15 3.11
N GLY A 52 13.16 -10.46 2.22
CA GLY A 52 13.22 -10.86 0.85
C GLY A 52 11.88 -10.79 0.15
N VAL A 53 10.88 -10.12 0.74
CA VAL A 53 9.58 -10.05 0.05
C VAL A 53 8.99 -8.65 -0.07
N PRO A 54 8.46 -8.38 -1.25
CA PRO A 54 7.77 -7.13 -1.57
C PRO A 54 6.51 -6.97 -0.71
N ILE A 55 6.04 -5.74 -0.52
CA ILE A 55 4.82 -5.53 0.25
C ILE A 55 3.62 -5.93 -0.59
N LEU A 56 2.99 -7.04 -0.25
CA LEU A 56 1.88 -7.54 -1.01
C LEU A 56 0.52 -7.30 -0.40
N ILE A 57 -0.41 -6.93 -1.26
CA ILE A 57 -1.79 -6.72 -0.87
C ILE A 57 -2.44 -8.06 -0.56
N SER A 58 -3.12 -8.17 0.58
CA SER A 58 -3.74 -9.43 0.96
C SER A 58 -5.14 -9.26 1.52
N GLU A 59 -5.51 -8.04 1.92
CA GLU A 59 -6.83 -7.79 2.47
C GLU A 59 -7.41 -6.51 1.92
N ILE A 60 -8.49 -6.63 1.18
CA ILE A 60 -9.16 -5.49 0.61
C ILE A 60 -10.55 -5.36 1.18
N HIS A 61 -10.74 -4.31 1.96
CA HIS A 61 -12.02 -4.05 2.59
C HIS A 61 -13.03 -3.60 1.54
N PRO A 62 -14.27 -4.12 1.60
CA PRO A 62 -15.29 -3.77 0.62
C PRO A 62 -15.54 -2.28 0.51
N GLY A 63 -15.71 -1.84 -0.73
CA GLY A 63 -15.95 -0.46 -1.02
C GLY A 63 -15.10 0.48 -0.23
N GLN A 64 -13.96 0.00 0.19
CA GLN A 64 -13.04 0.81 0.92
C GLN A 64 -12.07 1.34 -0.08
N PRO A 65 -11.28 2.36 0.25
CA PRO A 65 -10.35 2.94 -0.70
C PRO A 65 -9.80 1.94 -1.71
N ALA A 66 -10.28 0.68 -1.66
CA ALA A 66 -9.87 -0.30 -2.64
C ALA A 66 -10.76 -0.19 -3.85
N ASP A 67 -12.03 0.11 -3.56
CA ASP A 67 -13.02 0.33 -4.59
C ASP A 67 -13.21 1.82 -4.81
N ARG A 68 -12.69 2.65 -3.88
CA ARG A 68 -12.83 4.10 -4.03
C ARG A 68 -11.87 4.62 -5.07
N CYS A 69 -10.77 3.92 -5.28
CA CYS A 69 -9.81 4.28 -6.30
C CYS A 69 -10.15 3.52 -7.57
N GLY A 70 -11.19 2.69 -7.45
CA GLY A 70 -11.62 1.89 -8.59
C GLY A 70 -10.48 1.15 -9.27
N GLY A 71 -9.30 1.13 -8.64
CA GLY A 71 -8.17 0.46 -9.26
C GLY A 71 -7.35 -0.40 -8.30
N LEU A 72 -7.80 -0.54 -7.06
CA LEU A 72 -7.11 -1.33 -6.10
C LEU A 72 -7.69 -2.73 -6.08
N HIS A 73 -6.85 -3.68 -5.75
CA HIS A 73 -7.26 -5.07 -5.71
C HIS A 73 -6.12 -6.00 -5.30
N VAL A 74 -6.43 -6.92 -4.38
CA VAL A 74 -5.48 -7.89 -3.90
C VAL A 74 -4.99 -8.78 -5.04
N GLY A 75 -3.86 -9.40 -4.80
CA GLY A 75 -3.27 -10.29 -5.79
C GLY A 75 -2.07 -9.65 -6.47
N ASP A 76 -2.05 -8.32 -6.46
CA ASP A 76 -0.97 -7.56 -7.03
C ASP A 76 0.10 -7.34 -6.00
N ALA A 77 1.30 -7.24 -6.49
CA ALA A 77 2.45 -6.99 -5.66
C ALA A 77 2.63 -5.50 -5.51
N ILE A 78 2.85 -5.07 -4.29
CA ILE A 78 3.01 -3.65 -4.01
C ILE A 78 4.48 -3.30 -3.81
N LEU A 79 4.86 -2.11 -4.24
CA LEU A 79 6.27 -1.69 -4.16
C LEU A 79 6.47 -0.23 -3.90
N ALA A 80 5.48 0.60 -4.18
CA ALA A 80 5.70 2.03 -3.93
C ALA A 80 4.43 2.88 -3.89
N VAL A 81 4.61 4.18 -3.59
CA VAL A 81 3.47 5.10 -3.56
C VAL A 81 3.85 6.55 -3.83
N ASN A 82 2.87 7.27 -4.34
CA ASN A 82 2.99 8.71 -4.66
C ASN A 82 3.76 8.95 -5.97
N GLY A 83 4.90 8.30 -6.07
CA GLY A 83 5.76 8.42 -7.26
C GLY A 83 6.61 7.18 -7.37
N VAL A 84 5.99 6.11 -6.92
CA VAL A 84 6.53 4.80 -6.84
C VAL A 84 7.89 4.75 -6.18
N ASN A 85 7.86 4.95 -4.86
CA ASN A 85 9.00 4.80 -4.01
C ASN A 85 8.68 4.05 -2.71
N LEU A 86 8.88 2.75 -2.53
CA LEU A 86 8.68 2.28 -1.18
C LEU A 86 9.95 1.78 -0.66
N ARG A 87 10.69 2.65 -0.09
CA ARG A 87 11.88 2.22 0.56
C ARG A 87 11.64 2.46 2.02
N ASP A 88 11.13 1.43 2.67
CA ASP A 88 10.88 1.50 4.08
C ASP A 88 11.32 0.20 4.71
N THR A 89 12.54 0.15 5.20
CA THR A 89 13.06 -1.04 5.87
C THR A 89 12.13 -2.22 5.57
N LYS A 90 11.65 -2.84 6.62
CA LYS A 90 10.65 -3.89 6.52
C LYS A 90 9.32 -3.21 6.22
N HIS A 91 8.38 -4.01 5.87
CA HIS A 91 7.04 -3.57 5.44
C HIS A 91 6.39 -2.48 6.31
N LYS A 92 6.35 -2.63 7.63
CA LYS A 92 5.67 -1.63 8.43
C LYS A 92 6.29 -0.27 8.28
N GLU A 93 7.54 -0.21 7.83
CA GLU A 93 8.17 1.07 7.64
C GLU A 93 7.46 1.82 6.53
N ALA A 94 6.81 1.09 5.61
CA ALA A 94 6.02 1.73 4.57
C ALA A 94 4.73 2.22 5.17
N VAL A 95 4.21 1.41 6.06
CA VAL A 95 2.98 1.72 6.77
C VAL A 95 3.15 2.97 7.60
N THR A 96 4.26 3.06 8.31
CA THR A 96 4.54 4.23 9.12
C THR A 96 4.62 5.43 8.20
N ILE A 97 5.16 5.17 7.02
CA ILE A 97 5.33 6.17 6.00
C ILE A 97 3.97 6.58 5.42
N LEU A 98 3.12 5.60 5.10
CA LEU A 98 1.81 5.88 4.56
C LEU A 98 0.86 6.39 5.64
N SER A 99 1.03 5.89 6.86
CA SER A 99 0.19 6.28 7.98
C SER A 99 0.24 7.79 8.19
N GLN A 100 1.46 8.31 8.31
CA GLN A 100 1.67 9.73 8.53
C GLN A 100 1.33 10.52 7.26
N GLN A 101 1.70 9.97 6.10
CA GLN A 101 1.42 10.64 4.84
C GLN A 101 -0.07 10.93 4.70
N ARG A 102 -0.40 11.92 3.89
CA ARG A 102 -1.80 12.28 3.66
C ARG A 102 -2.00 12.66 2.20
N GLY A 103 -3.26 12.76 1.78
CA GLY A 103 -3.53 13.12 0.40
C GLY A 103 -3.82 11.92 -0.48
N GLU A 104 -3.12 11.90 -1.61
CA GLU A 104 -3.31 10.83 -2.59
C GLU A 104 -2.25 9.74 -2.49
N ILE A 105 -2.72 8.50 -2.42
CA ILE A 105 -1.85 7.37 -2.40
C ILE A 105 -1.77 6.84 -3.78
N GLU A 106 -0.62 6.97 -4.35
CA GLU A 106 -0.40 6.47 -5.68
C GLU A 106 0.15 5.09 -5.55
N PHE A 107 -0.60 4.17 -6.06
CA PHE A 107 -0.24 2.78 -5.93
C PHE A 107 0.44 2.20 -7.15
N GLU A 108 1.67 1.77 -6.95
CA GLU A 108 2.45 1.11 -7.98
C GLU A 108 2.51 -0.34 -7.63
N VAL A 109 1.94 -1.16 -8.48
CA VAL A 109 1.90 -2.56 -8.19
C VAL A 109 2.57 -3.41 -9.24
N VAL A 110 3.18 -4.47 -8.77
CA VAL A 110 3.87 -5.41 -9.65
C VAL A 110 3.23 -6.79 -9.60
N TYR A 111 3.35 -7.54 -10.69
CA TYR A 111 2.77 -8.87 -10.78
C TYR A 111 3.74 -9.92 -10.23
N VAL A 112 3.32 -10.60 -9.17
CA VAL A 112 4.16 -11.63 -8.56
C VAL A 112 3.67 -13.03 -8.93
N GLU B 1 5.95 -3.50 16.77
CA GLU B 1 6.70 -3.79 15.51
C GLU B 1 6.38 -2.77 14.43
N GLU B 2 7.38 -1.97 14.06
CA GLU B 2 7.20 -0.95 13.04
C GLU B 2 7.77 -1.40 11.69
N VAL B 3 8.09 -2.69 11.57
CA VAL B 3 8.65 -3.23 10.36
C VAL B 3 8.18 -4.69 10.12
N GLN B 4 6.86 -4.87 9.84
CA GLN B 4 6.28 -6.21 9.57
C GLN B 4 4.73 -6.21 9.57
N ASP B 5 4.14 -6.67 8.45
CA ASP B 5 2.68 -6.80 8.28
C ASP B 5 1.92 -5.49 8.57
N THR B 6 0.76 -5.28 7.91
CA THR B 6 0.00 -4.07 8.17
C THR B 6 -1.42 -4.06 7.56
N ARG B 7 -2.27 -3.22 8.16
CA ARG B 7 -3.65 -3.03 7.72
C ARG B 7 -3.98 -1.54 7.64
N LEU B 8 -4.38 -1.09 6.46
CA LEU B 8 -4.72 0.33 6.24
C LEU B 8 -6.23 0.49 6.03
N GLY A 27 6.63 -2.15 -14.33
CA GLY A 27 5.34 -1.52 -14.75
C GLY A 27 4.78 -0.62 -13.67
N ILE A 28 5.09 0.67 -13.75
CA ILE A 28 4.63 1.64 -12.81
C ILE A 28 3.17 2.01 -13.05
N ARG A 29 2.39 2.06 -11.97
CA ARG A 29 0.97 2.41 -12.09
C ARG A 29 0.55 3.26 -10.90
N LYS A 30 0.04 4.45 -11.19
CA LYS A 30 -0.37 5.36 -10.16
C LYS A 30 -1.88 5.45 -10.04
N VAL A 31 -2.33 5.10 -8.86
CA VAL A 31 -3.73 5.16 -8.50
C VAL A 31 -3.90 6.14 -7.36
N LEU A 32 -4.66 7.20 -7.62
CA LEU A 32 -4.87 8.25 -6.65
C LEU A 32 -6.08 7.99 -5.73
N LEU A 33 -5.79 7.70 -4.46
CA LEU A 33 -6.80 7.43 -3.46
C LEU A 33 -6.77 8.49 -2.38
N LEU A 34 -7.85 9.24 -2.29
CA LEU A 34 -7.97 10.29 -1.31
C LEU A 34 -9.14 10.02 -0.37
N LYS A 35 -8.79 9.55 0.80
CA LYS A 35 -9.76 9.23 1.83
C LYS A 35 -9.85 10.37 2.85
N GLU A 36 -10.94 10.38 3.60
CA GLU A 36 -11.16 11.41 4.61
C GLU A 36 -10.50 11.03 5.94
N ASP A 37 -9.57 11.85 6.40
CA ASP A 37 -8.87 11.60 7.65
C ASP A 37 -8.29 10.16 7.67
N HIS A 38 -8.42 9.47 8.80
CA HIS A 38 -7.91 8.11 8.91
C HIS A 38 -9.01 7.10 8.58
N GLU A 39 -9.80 7.38 7.54
CA GLU A 39 -10.87 6.48 7.13
C GLU A 39 -10.34 5.08 6.84
N GLY A 40 -9.05 5.00 6.53
CA GLY A 40 -8.44 3.72 6.23
C GLY A 40 -8.33 3.47 4.74
N LEU A 41 -7.69 2.37 4.37
CA LEU A 41 -7.51 2.04 2.95
C LEU A 41 -8.33 0.82 2.58
N GLY A 42 -8.60 -0.05 3.56
CA GLY A 42 -9.35 -1.25 3.29
C GLY A 42 -8.58 -2.17 2.37
N ILE A 43 -7.26 -2.13 2.52
CA ILE A 43 -6.34 -2.91 1.71
C ILE A 43 -5.29 -3.53 2.61
N SER A 44 -4.65 -4.61 2.17
CA SER A 44 -3.64 -5.23 3.00
C SER A 44 -2.36 -5.46 2.22
N ILE A 45 -1.24 -5.38 2.91
CA ILE A 45 0.05 -5.55 2.27
C ILE A 45 0.98 -6.39 3.13
N THR A 46 2.00 -6.95 2.47
CA THR A 46 2.99 -7.77 3.14
C THR A 46 4.23 -7.85 2.30
N GLY A 47 5.38 -7.71 2.92
CA GLY A 47 6.60 -7.78 2.19
C GLY A 47 7.78 -7.27 2.96
N GLY A 48 8.93 -7.51 2.40
CA GLY A 48 10.18 -7.07 3.01
C GLY A 48 11.34 -7.99 2.73
N LYS A 49 12.48 -7.65 3.29
CA LYS A 49 13.68 -8.47 3.15
C LYS A 49 13.58 -9.67 4.09
N GLU A 50 12.66 -9.58 5.05
CA GLU A 50 12.44 -10.64 6.01
C GLU A 50 11.53 -11.70 5.41
N HIS A 51 10.55 -11.28 4.60
CA HIS A 51 9.65 -12.22 3.95
C HIS A 51 10.17 -12.53 2.57
N GLY A 52 11.38 -12.07 2.30
CA GLY A 52 12.00 -12.28 1.02
C GLY A 52 11.16 -11.71 -0.11
N VAL A 53 10.32 -10.72 0.20
CA VAL A 53 9.45 -10.14 -0.84
C VAL A 53 9.33 -8.63 -0.76
N PRO A 54 8.69 -8.06 -1.78
CA PRO A 54 8.39 -6.64 -1.89
C PRO A 54 7.07 -6.38 -1.17
N ILE A 55 6.70 -5.14 -0.90
CA ILE A 55 5.41 -4.93 -0.26
C ILE A 55 4.36 -5.21 -1.31
N LEU A 56 3.80 -6.40 -1.26
CA LEU A 56 2.87 -6.82 -2.23
C LEU A 56 1.43 -6.84 -1.70
N ILE A 57 0.50 -6.36 -2.52
CA ILE A 57 -0.90 -6.35 -2.16
C ILE A 57 -1.45 -7.76 -2.21
N SER A 58 -2.21 -8.14 -1.18
CA SER A 58 -2.77 -9.49 -1.12
C SER A 58 -4.21 -9.50 -0.59
N GLU A 59 -4.66 -8.38 -0.03
CA GLU A 59 -6.01 -8.31 0.50
C GLU A 59 -6.70 -7.03 0.07
N ILE A 60 -7.75 -7.18 -0.70
CA ILE A 60 -8.53 -6.04 -1.17
C ILE A 60 -9.98 -6.21 -0.75
N HIS A 61 -10.40 -5.35 0.15
CA HIS A 61 -11.76 -5.40 0.64
C HIS A 61 -12.73 -4.91 -0.43
N PRO A 62 -13.87 -5.60 -0.61
CA PRO A 62 -14.85 -5.23 -1.62
C PRO A 62 -15.34 -3.81 -1.45
N GLY A 63 -15.56 -3.15 -2.58
CA GLY A 63 -16.03 -1.79 -2.60
C GLY A 63 -15.32 -0.88 -1.64
N GLN A 64 -14.14 -1.28 -1.22
CA GLN A 64 -13.35 -0.49 -0.35
C GLN A 64 -12.41 0.27 -1.22
N PRO A 65 -11.73 1.31 -0.70
CA PRO A 65 -10.82 2.11 -1.48
C PRO A 65 -10.17 1.35 -2.66
N ALA A 66 -10.53 0.07 -2.84
CA ALA A 66 -10.01 -0.69 -3.96
C ALA A 66 -10.89 -0.42 -5.16
N ASP A 67 -12.18 -0.28 -4.88
CA ASP A 67 -13.15 0.04 -5.89
C ASP A 67 -13.52 1.52 -5.80
N ARG A 68 -13.11 2.17 -4.70
CA ARG A 68 -13.43 3.58 -4.52
C ARG A 68 -12.48 4.46 -5.34
N CYS A 69 -11.29 3.95 -5.60
CA CYS A 69 -10.34 4.67 -6.42
C CYS A 69 -10.48 4.15 -7.85
N GLY A 70 -11.38 3.18 -8.02
CA GLY A 70 -11.62 2.60 -9.32
C GLY A 70 -10.35 2.19 -10.05
N GLY A 71 -9.21 2.22 -9.36
CA GLY A 71 -7.96 1.85 -10.01
C GLY A 71 -7.10 0.90 -9.19
N LEU A 72 -7.63 0.39 -8.09
CA LEU A 72 -6.92 -0.51 -7.25
C LEU A 72 -7.29 -1.94 -7.56
N HIS A 73 -6.38 -2.84 -7.24
CA HIS A 73 -6.57 -4.26 -7.47
C HIS A 73 -5.35 -5.07 -7.05
N VAL A 74 -5.60 -6.07 -6.21
CA VAL A 74 -4.57 -6.97 -5.74
C VAL A 74 -3.92 -7.69 -6.91
N GLY A 75 -2.74 -8.19 -6.68
CA GLY A 75 -1.99 -8.89 -7.71
C GLY A 75 -0.81 -8.08 -8.19
N ASP A 76 -0.92 -6.77 -8.03
CA ASP A 76 0.10 -5.84 -8.40
C ASP A 76 1.10 -5.73 -7.28
N ALA A 77 2.30 -5.44 -7.66
CA ALA A 77 3.38 -5.28 -6.71
C ALA A 77 3.40 -3.84 -6.27
N ILE A 78 3.59 -3.63 -4.99
CA ILE A 78 3.60 -2.29 -4.45
C ILE A 78 5.01 -1.80 -4.23
N LEU A 79 5.20 -0.49 -4.35
CA LEU A 79 6.52 0.10 -4.19
C LEU A 79 6.48 1.38 -3.39
N ALA A 80 5.62 2.30 -3.76
CA ALA A 80 5.56 3.56 -3.05
C ALA A 80 4.18 4.19 -2.98
N VAL A 81 4.09 5.31 -2.27
CA VAL A 81 2.84 6.03 -2.14
C VAL A 81 3.08 7.53 -2.12
N ASN A 82 2.05 8.24 -2.53
CA ASN A 82 2.06 9.70 -2.61
C ASN A 82 3.09 10.23 -3.61
N GLY A 83 3.76 9.33 -4.33
CA GLY A 83 4.72 9.77 -5.32
C GLY A 83 6.17 9.63 -4.87
N VAL A 84 6.38 9.04 -3.72
CA VAL A 84 7.72 8.86 -3.20
C VAL A 84 8.02 7.40 -2.90
N ASN A 85 9.21 6.95 -3.29
CA ASN A 85 9.62 5.57 -3.04
C ASN A 85 9.64 5.32 -1.57
N LEU A 86 9.06 4.21 -1.14
CA LEU A 86 9.08 3.94 0.25
C LEU A 86 10.09 2.92 0.53
N ARG A 87 11.26 3.37 0.71
CA ARG A 87 12.26 2.47 1.10
C ARG A 87 12.39 2.70 2.58
N ASP A 88 11.68 1.88 3.31
CA ASP A 88 11.70 1.92 4.74
C ASP A 88 11.82 0.52 5.27
N THR A 89 13.04 0.14 5.57
CA THR A 89 13.31 -1.18 6.10
C THR A 89 12.29 -2.17 5.57
N LYS A 90 11.75 -2.96 6.47
CA LYS A 90 10.68 -3.92 6.16
C LYS A 90 9.37 -3.15 6.00
N HIS A 91 8.40 -3.87 5.52
CA HIS A 91 7.08 -3.36 5.19
C HIS A 91 6.46 -2.43 6.24
N LYS A 92 6.43 -2.82 7.50
CA LYS A 92 5.77 -1.97 8.49
C LYS A 92 6.38 -0.60 8.56
N GLU A 93 7.59 -0.48 8.08
CA GLU A 93 8.21 0.82 8.05
C GLU A 93 7.46 1.71 7.04
N ALA A 94 6.79 1.06 6.07
CA ALA A 94 5.99 1.77 5.08
C ALA A 94 4.61 2.10 5.64
N VAL A 95 4.06 1.17 6.39
CA VAL A 95 2.73 1.36 6.98
C VAL A 95 2.72 2.61 7.83
N THR A 96 3.78 2.77 8.61
CA THR A 96 3.90 3.96 9.45
C THR A 96 3.96 5.17 8.56
N ILE A 97 4.63 4.98 7.44
CA ILE A 97 4.79 6.01 6.45
C ILE A 97 3.45 6.34 5.77
N LEU A 98 2.72 5.30 5.34
CA LEU A 98 1.44 5.52 4.69
C LEU A 98 0.38 5.95 5.68
N SER A 99 0.50 5.48 6.92
CA SER A 99 -0.46 5.80 7.97
C SER A 99 -0.67 7.30 8.11
N GLN A 100 0.42 8.06 8.15
CA GLN A 100 0.31 9.51 8.32
C GLN A 100 0.99 10.31 7.20
N GLN A 101 1.49 9.66 6.15
CA GLN A 101 2.14 10.41 5.07
C GLN A 101 1.24 11.55 4.57
N ARG A 102 0.06 11.20 4.05
CA ARG A 102 -0.87 12.21 3.54
C ARG A 102 -2.30 11.69 3.62
N GLY A 103 -3.26 12.54 3.26
CA GLY A 103 -4.65 12.12 3.28
C GLY A 103 -4.98 11.28 2.08
N GLU A 104 -4.32 11.62 1.01
CA GLU A 104 -4.46 10.92 -0.26
C GLU A 104 -3.26 10.01 -0.50
N ILE A 105 -3.49 8.72 -0.59
CA ILE A 105 -2.46 7.83 -0.81
C ILE A 105 -2.40 7.49 -2.26
N GLU A 106 -1.27 7.79 -2.77
CA GLU A 106 -0.99 7.55 -4.15
C GLU A 106 -0.34 6.22 -4.27
N PHE A 107 -0.94 5.39 -5.05
CA PHE A 107 -0.45 4.05 -5.20
C PHE A 107 0.40 3.88 -6.45
N GLU A 108 1.65 3.53 -6.23
CA GLU A 108 2.56 3.22 -7.31
C GLU A 108 2.81 1.74 -7.25
N VAL A 109 2.41 1.06 -8.30
CA VAL A 109 2.53 -0.38 -8.31
C VAL A 109 3.37 -0.90 -9.44
N VAL A 110 4.00 -2.02 -9.15
CA VAL A 110 4.88 -2.68 -10.12
C VAL A 110 4.35 -4.06 -10.48
N TYR A 111 4.61 -4.48 -11.72
CA TYR A 111 4.15 -5.79 -12.18
C TYR A 111 5.16 -6.88 -11.83
N VAL A 112 4.71 -7.88 -11.07
CA VAL A 112 5.57 -8.97 -10.67
C VAL A 112 5.12 -10.29 -11.30
N GLU B 1 4.15 -8.79 15.47
CA GLU B 1 4.22 -7.33 15.77
C GLU B 1 5.63 -6.80 15.57
N GLU B 2 6.60 -7.48 16.16
CA GLU B 2 8.01 -7.07 16.05
C GLU B 2 8.44 -7.03 14.59
N VAL B 3 7.98 -8.00 13.81
CA VAL B 3 8.31 -8.09 12.41
C VAL B 3 7.82 -6.86 11.65
N GLN B 4 7.50 -7.02 10.37
CA GLN B 4 7.05 -5.89 9.56
C GLN B 4 6.09 -6.35 8.43
N ASP B 5 4.80 -6.22 8.69
CA ASP B 5 3.74 -6.58 7.72
C ASP B 5 2.52 -5.69 8.00
N THR B 6 1.46 -5.68 7.17
CA THR B 6 0.36 -4.76 7.50
C THR B 6 -0.97 -5.00 6.78
N ARG B 7 -2.00 -4.36 7.37
CA ARG B 7 -3.36 -4.39 6.88
C ARG B 7 -3.95 -2.97 6.97
N LEU B 8 -4.19 -2.35 5.82
CA LEU B 8 -4.74 -0.98 5.78
C LEU B 8 -6.25 -0.97 5.55
N GLY A 27 6.53 -3.22 -14.12
CA GLY A 27 6.77 -1.76 -14.23
C GLY A 27 6.02 -0.95 -13.18
N ILE A 28 6.36 0.32 -13.05
CA ILE A 28 5.71 1.20 -12.08
C ILE A 28 4.38 1.69 -12.57
N ARG A 29 3.45 1.70 -11.65
CA ARG A 29 2.09 2.15 -11.92
C ARG A 29 1.57 3.00 -10.77
N LYS A 30 1.25 4.25 -11.07
CA LYS A 30 0.78 5.17 -10.10
C LYS A 30 -0.73 5.27 -10.10
N VAL A 31 -1.27 4.93 -8.95
CA VAL A 31 -2.69 4.99 -8.70
C VAL A 31 -2.92 5.99 -7.58
N LEU A 32 -3.65 7.06 -7.87
CA LEU A 32 -3.88 8.09 -6.88
C LEU A 32 -5.20 7.89 -6.16
N LEU A 33 -5.11 7.53 -4.89
CA LEU A 33 -6.28 7.33 -4.06
C LEU A 33 -6.30 8.41 -2.98
N LEU A 34 -7.31 9.24 -3.04
CA LEU A 34 -7.46 10.34 -2.12
C LEU A 34 -8.73 10.21 -1.30
N LYS A 35 -8.54 9.84 -0.08
CA LYS A 35 -9.62 9.66 0.88
C LYS A 35 -9.76 10.89 1.79
N GLU A 36 -10.91 11.02 2.42
CA GLU A 36 -11.18 12.14 3.30
C GLU A 36 -10.69 11.86 4.72
N ASP A 37 -9.87 12.77 5.25
CA ASP A 37 -9.33 12.64 6.59
C ASP A 37 -8.55 11.33 6.75
N HIS A 38 -9.27 10.25 7.06
CA HIS A 38 -8.64 8.94 7.25
C HIS A 38 -9.68 7.87 7.52
N GLU A 39 -10.81 7.95 6.83
CA GLU A 39 -11.89 6.96 7.00
C GLU A 39 -11.46 5.58 6.54
N GLY A 40 -10.45 5.01 7.21
CA GLY A 40 -9.96 3.69 6.82
C GLY A 40 -9.55 3.64 5.37
N LEU A 41 -8.80 2.63 4.98
CA LEU A 41 -8.36 2.52 3.59
C LEU A 41 -9.20 1.52 2.82
N GLY A 42 -9.10 0.25 3.19
CA GLY A 42 -9.85 -0.78 2.52
C GLY A 42 -8.95 -1.70 1.71
N ILE A 43 -7.65 -1.64 2.00
CA ILE A 43 -6.67 -2.47 1.31
C ILE A 43 -5.71 -3.07 2.30
N SER A 44 -5.08 -4.16 1.91
CA SER A 44 -4.14 -4.85 2.77
C SER A 44 -2.85 -5.13 2.03
N ILE A 45 -1.75 -5.13 2.79
CA ILE A 45 -0.44 -5.36 2.22
C ILE A 45 0.35 -6.35 3.06
N THR A 46 1.34 -6.96 2.43
CA THR A 46 2.16 -7.94 3.12
C THR A 46 3.52 -8.05 2.47
N GLY A 47 4.53 -8.13 3.31
CA GLY A 47 5.88 -8.23 2.82
C GLY A 47 6.83 -7.49 3.71
N GLY A 48 8.08 -7.60 3.37
CA GLY A 48 9.12 -6.94 4.14
C GLY A 48 10.39 -7.77 4.23
N LYS A 49 11.30 -7.35 5.10
CA LYS A 49 12.56 -8.07 5.28
C LYS A 49 12.36 -9.32 6.14
N GLU A 50 11.14 -9.54 6.61
CA GLU A 50 10.85 -10.71 7.42
C GLU A 50 10.22 -11.81 6.57
N HIS A 51 9.43 -11.42 5.56
CA HIS A 51 8.81 -12.39 4.68
C HIS A 51 9.65 -12.55 3.43
N GLY A 52 10.83 -11.98 3.48
CA GLY A 52 11.72 -12.04 2.34
C GLY A 52 11.08 -11.45 1.09
N VAL A 53 10.11 -10.54 1.30
CA VAL A 53 9.41 -9.93 0.17
C VAL A 53 9.22 -8.45 0.33
N PRO A 54 8.72 -7.81 -0.74
CA PRO A 54 8.40 -6.40 -0.80
C PRO A 54 6.98 -6.21 -0.26
N ILE A 55 6.53 -4.99 -0.03
CA ILE A 55 5.16 -4.82 0.44
C ILE A 55 4.21 -5.11 -0.71
N LEU A 56 3.57 -6.27 -0.67
CA LEU A 56 2.68 -6.65 -1.73
C LEU A 56 1.22 -6.62 -1.32
N ILE A 57 0.35 -6.28 -2.27
CA ILE A 57 -1.08 -6.25 -2.06
C ILE A 57 -1.61 -7.68 -1.96
N SER A 58 -2.46 -7.94 -0.97
CA SER A 58 -2.99 -9.30 -0.79
C SER A 58 -4.48 -9.33 -0.48
N GLU A 59 -5.04 -8.22 -0.01
CA GLU A 59 -6.46 -8.19 0.31
C GLU A 59 -7.08 -6.91 -0.21
N ILE A 60 -7.99 -7.07 -1.16
CA ILE A 60 -8.66 -5.92 -1.75
C ILE A 60 -10.17 -6.08 -1.72
N HIS A 61 -10.78 -5.35 -0.81
CA HIS A 61 -12.22 -5.37 -0.63
C HIS A 61 -12.94 -4.70 -1.79
N PRO A 62 -14.05 -5.31 -2.27
CA PRO A 62 -14.82 -4.75 -3.38
C PRO A 62 -15.27 -3.33 -3.07
N GLY A 63 -15.32 -2.48 -4.10
CA GLY A 63 -15.73 -1.13 -3.93
C GLY A 63 -14.84 -0.33 -3.01
N GLN A 64 -13.74 -0.94 -2.60
CA GLN A 64 -12.77 -0.30 -1.75
C GLN A 64 -11.71 0.22 -2.67
N PRO A 65 -10.82 1.09 -2.19
CA PRO A 65 -9.75 1.67 -2.99
C PRO A 65 -9.43 0.94 -4.31
N ALA A 66 -10.08 -0.21 -4.56
CA ALA A 66 -9.88 -0.92 -5.80
C ALA A 66 -10.80 -0.33 -6.85
N ASP A 67 -11.97 0.05 -6.37
CA ASP A 67 -12.97 0.68 -7.21
C ASP A 67 -13.03 2.17 -6.91
N ARG A 68 -12.32 2.62 -5.86
CA ARG A 68 -12.35 4.04 -5.52
C ARG A 68 -11.24 4.81 -6.21
N CYS A 69 -10.16 4.13 -6.52
CA CYS A 69 -9.07 4.77 -7.23
C CYS A 69 -9.07 4.25 -8.66
N GLY A 70 -10.13 3.49 -8.97
CA GLY A 70 -10.28 2.93 -10.31
C GLY A 70 -8.99 2.34 -10.86
N GLY A 71 -7.98 2.15 -10.00
CA GLY A 71 -6.72 1.61 -10.50
C GLY A 71 -6.01 0.67 -9.53
N LEU A 72 -6.67 0.27 -8.45
CA LEU A 72 -6.09 -0.61 -7.50
C LEU A 72 -6.58 -2.03 -7.75
N HIS A 73 -5.76 -2.98 -7.34
CA HIS A 73 -6.07 -4.38 -7.53
C HIS A 73 -4.99 -5.29 -6.97
N VAL A 74 -5.41 -6.27 -6.18
CA VAL A 74 -4.51 -7.24 -5.59
C VAL A 74 -3.78 -8.03 -6.67
N GLY A 75 -2.66 -8.61 -6.27
CA GLY A 75 -1.85 -9.38 -7.19
C GLY A 75 -0.67 -8.57 -7.68
N ASP A 76 -0.81 -7.26 -7.60
CA ASP A 76 0.22 -6.34 -8.00
C ASP A 76 1.16 -6.09 -6.85
N ALA A 77 2.38 -5.81 -7.19
CA ALA A 77 3.41 -5.54 -6.21
C ALA A 77 3.42 -4.06 -5.88
N ILE A 78 3.69 -3.75 -4.62
CA ILE A 78 3.70 -2.38 -4.15
C ILE A 78 5.12 -1.89 -3.90
N LEU A 79 5.44 -0.77 -4.53
CA LEU A 79 6.74 -0.16 -4.39
C LEU A 79 6.74 0.94 -3.36
N ALA A 80 5.80 1.84 -3.51
CA ALA A 80 5.75 2.98 -2.61
C ALA A 80 4.41 3.72 -2.61
N VAL A 81 4.34 4.72 -1.74
CA VAL A 81 3.16 5.55 -1.60
C VAL A 81 3.57 7.01 -1.60
N ASN A 82 2.65 7.86 -2.05
CA ASN A 82 2.87 9.32 -2.14
C ASN A 82 4.07 9.67 -3.03
N GLY A 83 4.66 8.67 -3.69
CA GLY A 83 5.77 8.94 -4.60
C GLY A 83 7.13 8.69 -3.97
N VAL A 84 7.16 8.04 -2.81
CA VAL A 84 8.42 7.75 -2.13
C VAL A 84 8.58 6.27 -1.88
N ASN A 85 9.67 5.68 -2.38
CA ASN A 85 9.95 4.26 -2.19
C ASN A 85 10.07 3.95 -0.74
N LEU A 86 9.31 2.97 -0.28
CA LEU A 86 9.39 2.64 1.09
C LEU A 86 10.10 1.37 1.30
N ARG A 87 11.38 1.49 1.38
CA ARG A 87 12.14 0.35 1.74
C ARG A 87 12.40 0.52 3.21
N ASP A 88 11.54 -0.10 3.99
CA ASP A 88 11.68 -0.04 5.43
C ASP A 88 11.51 -1.42 6.01
N THR A 89 12.63 -2.06 6.24
CA THR A 89 12.65 -3.41 6.83
C THR A 89 11.25 -3.88 7.21
N LYS A 90 10.71 -3.19 8.19
CA LYS A 90 9.37 -3.50 8.71
C LYS A 90 8.31 -3.04 7.78
N HIS A 91 7.37 -3.92 7.57
CA HIS A 91 6.22 -3.63 6.75
C HIS A 91 5.43 -2.52 7.41
N LYS A 92 5.36 -2.61 8.74
CA LYS A 92 4.64 -1.64 9.53
C LYS A 92 5.26 -0.25 9.38
N GLU A 93 6.53 -0.21 8.98
CA GLU A 93 7.17 1.08 8.79
C GLU A 93 6.49 1.82 7.64
N ALA A 94 5.84 1.05 6.76
CA ALA A 94 5.11 1.62 5.64
C ALA A 94 3.75 2.14 6.09
N VAL A 95 3.06 1.33 6.88
CA VAL A 95 1.75 1.68 7.39
C VAL A 95 1.79 2.98 8.16
N THR A 96 2.78 3.10 9.02
CA THR A 96 2.95 4.31 9.81
C THR A 96 3.16 5.48 8.86
N ILE A 97 3.89 5.18 7.80
CA ILE A 97 4.19 6.15 6.77
C ILE A 97 2.94 6.50 5.95
N LEU A 98 2.18 5.49 5.54
CA LEU A 98 0.99 5.72 4.75
C LEU A 98 -0.17 6.23 5.62
N SER A 99 -0.19 5.81 6.87
CA SER A 99 -1.23 6.20 7.81
C SER A 99 -1.40 7.71 7.89
N GLN A 100 -0.30 8.43 8.09
CA GLN A 100 -0.35 9.88 8.23
C GLN A 100 0.34 10.62 7.09
N GLN A 101 0.64 9.93 5.99
CA GLN A 101 1.29 10.58 4.85
C GLN A 101 0.57 11.88 4.47
N ARG A 102 -0.46 11.76 3.63
CA ARG A 102 -1.26 12.90 3.20
C ARG A 102 -2.66 12.43 2.87
N GLY A 103 -3.55 13.35 2.52
CA GLY A 103 -4.90 12.95 2.19
C GLY A 103 -4.98 12.09 0.97
N GLU A 104 -3.96 12.21 0.15
CA GLU A 104 -3.86 11.44 -1.08
C GLU A 104 -2.84 10.32 -0.94
N ILE A 105 -3.28 9.08 -1.06
CA ILE A 105 -2.44 7.99 -0.98
C ILE A 105 -2.13 7.58 -2.38
N GLU A 106 -0.89 7.68 -2.66
CA GLU A 106 -0.40 7.35 -3.97
C GLU A 106 0.12 5.95 -3.94
N PHE A 107 -0.14 5.24 -4.99
CA PHE A 107 0.29 3.87 -5.05
C PHE A 107 1.13 3.58 -6.29
N GLU A 108 2.37 3.19 -6.03
CA GLU A 108 3.30 2.79 -7.07
C GLU A 108 3.41 1.29 -7.02
N VAL A 109 2.98 0.66 -8.10
CA VAL A 109 2.97 -0.79 -8.13
C VAL A 109 3.78 -1.41 -9.24
N VAL A 110 4.17 -2.65 -8.98
CA VAL A 110 4.96 -3.42 -9.93
C VAL A 110 4.20 -4.67 -10.39
N TYR A 111 3.89 -4.72 -11.69
CA TYR A 111 3.17 -5.84 -12.26
C TYR A 111 4.11 -7.00 -12.55
N VAL A 112 3.78 -8.17 -12.02
CA VAL A 112 4.60 -9.37 -12.22
C VAL A 112 3.79 -10.48 -12.90
N GLU B 1 9.24 -3.48 17.85
CA GLU B 1 9.97 -3.18 16.59
C GLU B 1 10.44 -4.46 15.91
N GLU B 2 9.68 -4.91 14.92
CA GLU B 2 10.01 -6.13 14.19
C GLU B 2 9.23 -6.20 12.88
N VAL B 3 9.96 -6.33 11.77
CA VAL B 3 9.36 -6.42 10.45
C VAL B 3 8.18 -7.41 10.43
N GLN B 4 7.05 -7.00 9.83
CA GLN B 4 5.85 -7.86 9.78
C GLN B 4 5.01 -7.60 8.51
N ASP B 5 3.66 -7.58 8.66
CA ASP B 5 2.75 -7.34 7.52
C ASP B 5 1.83 -6.15 7.82
N THR B 6 0.82 -5.87 6.97
CA THR B 6 -0.05 -4.72 7.23
C THR B 6 -1.44 -4.80 6.59
N ARG B 7 -2.37 -4.06 7.21
CA ARG B 7 -3.76 -3.96 6.75
C ARG B 7 -4.23 -2.51 6.80
N LEU B 8 -4.73 -1.99 5.67
CA LEU B 8 -5.19 -0.61 5.59
C LEU B 8 -6.71 -0.51 5.38
#